data_3WLP
#
_entry.id   3WLP
#
_cell.length_a   99.939
_cell.length_b   99.939
_cell.length_c   182.871
_cell.angle_alpha   90.00
_cell.angle_beta   90.00
_cell.angle_gamma   90.00
#
_symmetry.space_group_name_H-M   'P 43 21 2'
#
loop_
_entity.id
_entity.type
_entity.pdbx_description
1 polymer 'Beta-D-glucan exohydrolase isoenzyme ExoI'
2 branched '1-thio-beta-D-glucopyranose-(1-6)-methyl beta-D-glucopyranoside'
3 non-polymer 2-acetamido-2-deoxy-beta-D-glucopyranose
4 non-polymer GLYCEROL
5 non-polymer 'SULFATE ION'
6 water water
#
_entity_poly.entity_id   1
_entity_poly.type   'polypeptide(L)'
_entity_poly.pdbx_seq_one_letter_code
;DYVLYKDATKPVEDRVADLLGRMTLAEKIGQMTQIERLVATPDVLRDNFIGSLLSGGGSVPRKGATAKEWQDMVDGFQKA
CMSTRLGIPMIYGIDAVHGQNNVYGATIFPHNVGLGATRDPYLVKRIGEATALEVRATGIQYAFAPCIAVCRDPRWGRCY
ESYSEDRRIVQSMTELIPGLQGDVPKDFTSGMPFVAGKNKVAACAKHFVGDGGTVDGINENNTIINREGLMNIHMPAYKN
AMDKGVSTVMISYSSWNGVKMHANQDLVTGYLKDTLKFKGFVISDWEGIDRITTPAGSDYSYSVKASILAGLDMIMVPNK
YQQFISILTGHVNGGVIPMSRIDDAVTRILRVKFTMGLFENPYADPAMAEQLGKQEHRDLAREAARKSLVLLKNGKTSTD
APLLPLPKKAPKILVAGSHADNLGYQCGGWTIEWQGDTGRTTVGTTILEAVKAAVDPSTVVVFAENPDAEFVKSGGFSYA
IVAVGEHPYTETKGDNLNLTIPEPGLSTVQAVCGGVRCATVLISGRPVVVQPLLAASDALVAAWLPGSEGQGVTDALFGD
FGFTGRLPRTWFKSVDQLPMNVGDAHYDPLFRLGYGLTTNATKKY
;
_entity_poly.pdbx_strand_id   A
#
loop_
_chem_comp.id
_chem_comp.type
_chem_comp.name
_chem_comp.formula
GOL non-polymer GLYCEROL 'C3 H8 O3'
GS1 D-saccharide, beta linking 1-thio-beta-D-glucopyranose 'C6 H12 O5 S'
MGL D-saccharide 'methyl beta-D-glucopyranoside' 'C7 H14 O6'
NAG D-saccharide, beta linking 2-acetamido-2-deoxy-beta-D-glucopyranose 'C8 H15 N O6'
SO4 non-polymer 'SULFATE ION' 'O4 S -2'
#
# COMPACT_ATOMS: atom_id res chain seq x y z
N ASP A 1 -28.36 30.13 -15.46
CA ASP A 1 -28.38 29.88 -16.92
C ASP A 1 -27.27 28.87 -17.31
N TYR A 2 -27.25 28.45 -18.59
CA TYR A 2 -26.37 27.35 -19.02
C TYR A 2 -24.88 27.68 -18.89
N VAL A 3 -24.14 26.74 -18.30
CA VAL A 3 -22.69 26.81 -18.17
C VAL A 3 -22.15 25.49 -18.70
N LEU A 4 -21.35 25.54 -19.76
CA LEU A 4 -20.92 24.30 -20.46
C LEU A 4 -20.23 23.33 -19.49
N TYR A 5 -19.35 23.84 -18.62
CA TYR A 5 -18.63 22.88 -17.74
C TYR A 5 -19.53 22.07 -16.78
N LYS A 6 -20.75 22.57 -16.51
CA LYS A 6 -21.70 21.89 -15.62
C LYS A 6 -22.56 20.87 -16.36
N ASP A 7 -22.37 20.79 -17.68
CA ASP A 7 -23.22 19.91 -18.53
C ASP A 7 -22.57 18.52 -18.68
N ALA A 8 -23.19 17.55 -18.02
CA ALA A 8 -22.67 16.17 -17.97
C ALA A 8 -22.66 15.46 -19.34
N THR A 9 -23.40 16.00 -20.30
CA THR A 9 -23.40 15.45 -21.65
C THR A 9 -22.22 15.84 -22.51
N LYS A 10 -21.43 16.82 -22.08
CA LYS A 10 -20.33 17.32 -22.89
C LYS A 10 -19.03 16.52 -22.70
N PRO A 11 -18.16 16.47 -23.73
CA PRO A 11 -16.88 15.77 -23.62
C PRO A 11 -16.01 16.37 -22.52
N VAL A 12 -15.25 15.52 -21.85
CA VAL A 12 -14.36 15.98 -20.76
C VAL A 12 -13.46 17.14 -21.17
N GLU A 13 -12.81 17.03 -22.33
CA GLU A 13 -11.89 18.11 -22.71
C GLU A 13 -12.59 19.44 -22.88
N ASP A 14 -13.81 19.41 -23.42
CA ASP A 14 -14.59 20.67 -23.56
C ASP A 14 -14.96 21.26 -22.20
N ARG A 15 -15.31 20.39 -21.24
CA ARG A 15 -15.69 20.88 -19.92
C ARG A 15 -14.44 21.44 -19.20
N VAL A 16 -13.30 20.74 -19.34
CA VAL A 16 -12.04 21.23 -18.74
C VAL A 16 -11.71 22.62 -19.29
N ALA A 17 -11.76 22.77 -20.63
CA ALA A 17 -11.42 24.05 -21.22
C ALA A 17 -12.40 25.16 -20.82
N ASP A 18 -13.70 24.84 -20.78
CA ASP A 18 -14.70 25.81 -20.41
C ASP A 18 -14.51 26.33 -18.98
N LEU A 19 -14.25 25.41 -18.04
CA LEU A 19 -14.01 25.79 -16.66
C LEU A 19 -12.70 26.57 -16.50
N LEU A 20 -11.61 26.06 -17.06
CA LEU A 20 -10.31 26.73 -16.93
C LEU A 20 -10.37 28.18 -17.39
N GLY A 21 -11.12 28.41 -18.47
CA GLY A 21 -11.22 29.77 -19.05
C GLY A 21 -11.94 30.76 -18.17
N ARG A 22 -12.64 30.27 -17.15
CA ARG A 22 -13.41 31.09 -16.22
C ARG A 22 -12.66 31.39 -14.92
N MET A 23 -11.58 30.65 -14.68
CA MET A 23 -10.96 30.63 -13.35
C MET A 23 -10.00 31.80 -13.07
N THR A 24 -10.08 32.37 -11.88
CA THR A 24 -9.04 33.32 -11.42
C THR A 24 -7.75 32.59 -11.04
N LEU A 25 -6.67 33.35 -10.80
CA LEU A 25 -5.42 32.72 -10.47
C LEU A 25 -5.62 32.07 -9.07
N ALA A 26 -6.36 32.70 -8.16
CA ALA A 26 -6.60 32.12 -6.82
C ALA A 26 -7.34 30.78 -6.96
N GLU A 27 -8.31 30.75 -7.90
CA GLU A 27 -9.09 29.51 -8.09
C GLU A 27 -8.22 28.43 -8.71
N LYS A 28 -7.32 28.83 -9.63
CA LYS A 28 -6.37 27.86 -10.21
C LYS A 28 -5.37 27.29 -9.16
N ILE A 29 -4.71 28.18 -8.40
CA ILE A 29 -3.72 27.74 -7.39
C ILE A 29 -4.42 26.92 -6.32
N GLY A 30 -5.68 27.25 -6.02
CA GLY A 30 -6.48 26.43 -5.07
C GLY A 30 -6.60 25.00 -5.53
N GLN A 31 -6.86 24.78 -6.82
CA GLN A 31 -7.00 23.38 -7.32
C GLN A 31 -5.72 22.58 -7.10
N MET A 32 -4.57 23.26 -7.19
CA MET A 32 -3.29 22.62 -7.04
C MET A 32 -2.91 22.36 -5.59
N THR A 33 -3.77 22.72 -4.63
CA THR A 33 -3.43 22.61 -3.20
C THR A 33 -4.21 21.47 -2.54
N GLN A 34 -3.48 20.50 -1.96
CA GLN A 34 -4.12 19.44 -1.18
C GLN A 34 -3.76 19.64 0.28
N ILE A 35 -4.77 19.63 1.14
CA ILE A 35 -4.53 19.87 2.59
C ILE A 35 -5.01 18.69 3.44
N GLU A 36 -4.41 18.56 4.61
CA GLU A 36 -4.87 17.53 5.57
C GLU A 36 -6.24 17.87 6.11
N ARG A 37 -7.08 16.85 6.32
CA ARG A 37 -8.32 17.10 7.06
C ARG A 37 -8.05 17.75 8.43
N LEU A 38 -6.88 17.49 9.02
CA LEU A 38 -6.57 18.06 10.35
C LEU A 38 -6.49 19.58 10.34
N VAL A 39 -6.26 20.20 9.17
CA VAL A 39 -6.23 21.72 9.11
C VAL A 39 -7.42 22.31 8.34
N ALA A 40 -8.36 21.45 7.88
CA ALA A 40 -9.46 21.91 7.06
C ALA A 40 -10.63 22.36 7.92
N THR A 41 -11.28 23.43 7.47
CA THR A 41 -12.59 23.84 7.98
C THR A 41 -13.41 24.31 6.79
N PRO A 42 -14.74 24.45 6.96
CA PRO A 42 -15.51 24.91 5.81
C PRO A 42 -15.02 26.27 5.28
N ASP A 43 -14.66 27.20 6.17
CA ASP A 43 -14.22 28.51 5.71
C ASP A 43 -12.89 28.41 5.00
N VAL A 44 -11.96 27.56 5.51
CA VAL A 44 -10.66 27.45 4.87
C VAL A 44 -10.84 26.91 3.44
N LEU A 45 -11.69 25.90 3.30
CA LEU A 45 -11.91 25.29 2.00
C LEU A 45 -12.51 26.22 0.97
N ARG A 46 -13.50 27.00 1.39
CA ARG A 46 -14.14 27.96 0.51
C ARG A 46 -13.22 29.15 0.20
N ASP A 47 -12.64 29.71 1.27
CA ASP A 47 -11.85 30.94 1.10
C ASP A 47 -10.60 30.77 0.23
N ASN A 48 -10.00 29.56 0.30
CA ASN A 48 -8.78 29.29 -0.42
C ASN A 48 -9.03 28.44 -1.66
N PHE A 49 -10.30 28.17 -1.97
CA PHE A 49 -10.69 27.45 -3.21
C PHE A 49 -9.94 26.11 -3.32
N ILE A 50 -9.83 25.41 -2.18
CA ILE A 50 -8.99 24.19 -2.11
C ILE A 50 -9.46 23.11 -3.06
N GLY A 51 -8.48 22.45 -3.66
CA GLY A 51 -8.79 21.38 -4.67
C GLY A 51 -8.88 19.97 -4.12
N SER A 52 -8.23 19.69 -2.99
CA SER A 52 -8.18 18.31 -2.52
C SER A 52 -7.91 18.28 -1.03
N LEU A 53 -8.38 17.19 -0.39
CA LEU A 53 -8.04 16.89 0.98
C LEU A 53 -7.46 15.51 1.04
N LEU A 54 -6.69 15.24 2.11
CA LEU A 54 -6.32 13.83 2.40
C LEU A 54 -6.41 13.53 3.87
N SER A 55 -6.51 12.24 4.14
CA SER A 55 -6.09 11.68 5.44
C SER A 55 -4.75 11.05 5.24
N GLY A 56 -3.71 11.58 5.93
CA GLY A 56 -2.43 10.84 6.04
C GLY A 56 -2.64 9.62 6.92
N GLY A 57 -1.57 8.86 7.11
CA GLY A 57 -1.69 7.64 7.95
C GLY A 57 -2.19 7.96 9.35
N GLY A 58 -3.27 7.29 9.75
CA GLY A 58 -3.83 7.51 11.07
C GLY A 58 -4.70 8.75 11.23
N SER A 59 -4.95 9.51 10.15
CA SER A 59 -5.77 10.73 10.24
C SER A 59 -7.24 10.40 10.05
N VAL A 60 -7.95 10.33 11.19
CA VAL A 60 -9.31 9.79 11.21
C VAL A 60 -10.26 10.70 12.01
N PRO A 61 -11.56 10.71 11.69
CA PRO A 61 -12.43 11.67 12.42
C PRO A 61 -12.57 11.27 13.88
N ARG A 62 -12.53 9.97 14.19
CA ARG A 62 -12.25 9.50 15.58
C ARG A 62 -11.94 8.04 15.51
N LYS A 63 -11.35 7.53 16.59
CA LYS A 63 -11.12 6.10 16.66
C LYS A 63 -12.43 5.35 16.62
N GLY A 64 -12.47 4.25 15.86
CA GLY A 64 -13.69 3.43 15.83
C GLY A 64 -14.81 4.02 14.98
N ALA A 65 -14.54 5.12 14.26
CA ALA A 65 -15.59 5.79 13.46
C ALA A 65 -16.30 4.82 12.51
N THR A 66 -17.61 4.93 12.43
CA THR A 66 -18.36 4.11 11.45
C THR A 66 -18.17 4.62 10.02
N ALA A 67 -18.58 3.81 9.06
CA ALA A 67 -18.58 4.26 7.65
C ALA A 67 -19.38 5.54 7.47
N LYS A 68 -20.57 5.62 8.06
CA LYS A 68 -21.39 6.82 7.98
C LYS A 68 -20.68 8.04 8.56
N GLU A 69 -19.93 7.89 9.66
CA GLU A 69 -19.14 9.00 10.19
C GLU A 69 -18.13 9.49 9.16
N TRP A 70 -17.43 8.58 8.47
CA TRP A 70 -16.50 9.04 7.44
C TRP A 70 -17.24 9.74 6.31
N GLN A 71 -18.39 9.19 5.89
CA GLN A 71 -19.16 9.84 4.79
C GLN A 71 -19.58 11.24 5.23
N ASP A 72 -20.00 11.40 6.50
CA ASP A 72 -20.46 12.74 6.96
C ASP A 72 -19.29 13.73 7.00
N MET A 73 -18.12 13.27 7.39
CA MET A 73 -16.92 14.11 7.35
C MET A 73 -16.62 14.55 5.93
N VAL A 74 -16.58 13.59 4.99
CA VAL A 74 -16.20 13.93 3.63
C VAL A 74 -17.26 14.87 3.02
N ASP A 75 -18.54 14.58 3.24
CA ASP A 75 -19.62 15.44 2.72
C ASP A 75 -19.58 16.81 3.33
N GLY A 76 -19.19 16.95 4.61
CA GLY A 76 -19.14 18.29 5.22
C GLY A 76 -18.07 19.12 4.53
N PHE A 77 -16.95 18.50 4.21
CA PHE A 77 -15.91 19.22 3.46
C PHE A 77 -16.36 19.51 2.03
N GLN A 78 -17.03 18.55 1.40
CA GLN A 78 -17.49 18.78 0.05
C GLN A 78 -18.53 19.89 -0.02
N LYS A 79 -19.40 20.00 0.98
CA LYS A 79 -20.46 21.04 0.92
C LYS A 79 -19.77 22.40 0.85
N ALA A 80 -18.66 22.57 1.58
CA ALA A 80 -17.97 23.88 1.58
C ALA A 80 -17.38 24.12 0.20
N CYS A 81 -16.75 23.12 -0.41
CA CYS A 81 -16.15 23.30 -1.72
C CYS A 81 -17.20 23.58 -2.78
N MET A 82 -18.36 22.91 -2.70
CA MET A 82 -19.41 23.12 -3.70
C MET A 82 -20.07 24.50 -3.55
N SER A 83 -19.77 25.18 -2.44
CA SER A 83 -20.38 26.51 -2.18
C SER A 83 -19.53 27.65 -2.75
N THR A 84 -18.37 27.34 -3.32
CA THR A 84 -17.53 28.40 -3.94
C THR A 84 -18.24 28.92 -5.19
N ARG A 85 -17.74 30.05 -5.67
CA ARG A 85 -18.29 30.65 -6.90
C ARG A 85 -18.47 29.65 -8.07
N LEU A 86 -17.45 28.82 -8.32
CA LEU A 86 -17.47 27.90 -9.46
C LEU A 86 -17.98 26.50 -9.05
N GLY A 87 -18.01 26.22 -7.74
CA GLY A 87 -18.56 24.91 -7.29
C GLY A 87 -17.74 23.74 -7.77
N ILE A 88 -16.42 23.83 -7.68
CA ILE A 88 -15.55 22.71 -8.09
C ILE A 88 -15.41 21.74 -6.92
N PRO A 89 -15.85 20.48 -7.08
CA PRO A 89 -15.77 19.54 -5.94
C PRO A 89 -14.31 19.20 -5.65
N MET A 90 -14.03 19.03 -4.35
CA MET A 90 -12.73 18.48 -3.99
C MET A 90 -12.70 16.97 -4.22
N ILE A 91 -11.50 16.47 -4.42
CA ILE A 91 -11.21 15.02 -4.39
C ILE A 91 -10.49 14.71 -3.07
N TYR A 92 -10.94 13.64 -2.38
CA TYR A 92 -10.37 13.29 -1.04
C TYR A 92 -9.56 12.00 -1.23
N GLY A 93 -8.29 12.07 -0.87
CA GLY A 93 -7.39 10.91 -1.01
C GLY A 93 -6.99 10.28 0.32
N ILE A 94 -6.67 8.99 0.23
CA ILE A 94 -6.24 8.26 1.44
C ILE A 94 -5.36 7.07 1.03
N ASP A 95 -4.51 6.64 1.96
CA ASP A 95 -3.74 5.39 1.68
C ASP A 95 -4.60 4.16 1.98
N ALA A 96 -5.32 3.71 0.95
CA ALA A 96 -6.01 2.39 0.98
C ALA A 96 -5.05 1.50 0.21
N VAL A 97 -4.06 0.94 0.94
CA VAL A 97 -2.95 0.21 0.32
C VAL A 97 -2.99 -1.30 0.57
N HIS A 98 -3.83 -1.73 1.48
CA HIS A 98 -4.13 -3.19 1.63
C HIS A 98 -5.53 -3.32 2.21
N GLY A 99 -6.51 -2.88 1.39
CA GLY A 99 -7.82 -2.55 1.89
C GLY A 99 -7.87 -1.09 2.33
N GLN A 100 -9.02 -0.69 2.87
CA GLN A 100 -9.23 0.72 3.32
C GLN A 100 -8.69 0.80 4.77
N ASN A 101 -7.36 0.70 4.84
CA ASN A 101 -6.70 0.30 6.10
C ASN A 101 -6.68 1.27 7.27
N ASN A 102 -6.97 2.56 7.06
CA ASN A 102 -7.09 3.47 8.21
C ASN A 102 -8.40 3.28 8.97
N VAL A 103 -9.37 2.56 8.37
CA VAL A 103 -10.76 2.55 8.84
C VAL A 103 -11.07 1.33 9.68
N TYR A 104 -11.61 1.59 10.87
CA TYR A 104 -12.02 0.47 11.72
C TYR A 104 -13.08 -0.37 11.02
N GLY A 105 -12.91 -1.69 11.05
CA GLY A 105 -13.90 -2.60 10.42
C GLY A 105 -13.70 -2.81 8.93
N ALA A 106 -12.74 -2.15 8.32
CA ALA A 106 -12.39 -2.44 6.93
C ALA A 106 -11.65 -3.77 6.78
N THR A 107 -11.96 -4.51 5.71
CA THR A 107 -11.18 -5.74 5.40
C THR A 107 -9.71 -5.34 5.17
N ILE A 108 -8.79 -6.09 5.81
CA ILE A 108 -7.34 -5.80 5.63
C ILE A 108 -6.76 -6.96 4.83
N PHE A 109 -6.33 -6.67 3.60
CA PHE A 109 -5.74 -7.68 2.70
C PHE A 109 -4.26 -7.86 3.02
N PRO A 110 -3.66 -8.98 2.57
CA PRO A 110 -2.20 -9.14 2.72
C PRO A 110 -1.46 -7.94 2.07
N HIS A 111 -0.34 -7.53 2.69
CA HIS A 111 0.52 -6.53 2.04
C HIS A 111 1.11 -7.03 0.72
N ASN A 112 1.59 -6.09 -0.07
CA ASN A 112 2.00 -6.40 -1.45
C ASN A 112 3.06 -7.51 -1.56
N VAL A 113 4.03 -7.64 -0.64
CA VAL A 113 5.05 -8.69 -0.80
C VAL A 113 4.38 -10.08 -0.85
N GLY A 114 3.41 -10.31 0.04
CA GLY A 114 2.64 -11.57 0.01
C GLY A 114 1.81 -11.70 -1.25
N LEU A 115 1.20 -10.59 -1.73
CA LEU A 115 0.52 -10.68 -3.02
C LEU A 115 1.48 -11.10 -4.16
N GLY A 116 2.72 -10.61 -4.14
CA GLY A 116 3.73 -11.05 -5.12
C GLY A 116 3.93 -12.57 -5.08
N ALA A 117 3.92 -13.12 -3.88
CA ALA A 117 4.07 -14.59 -3.71
C ALA A 117 2.97 -15.41 -4.37
N THR A 118 1.81 -14.82 -4.59
CA THR A 118 0.68 -15.55 -5.20
C THR A 118 0.86 -15.71 -6.72
N ARG A 119 1.66 -14.85 -7.33
CA ARG A 119 1.78 -14.76 -8.81
C ARG A 119 0.41 -14.75 -9.50
N ASP A 120 -0.60 -14.10 -8.87
CA ASP A 120 -1.96 -14.14 -9.36
C ASP A 120 -2.46 -12.71 -9.62
N PRO A 121 -2.19 -12.15 -10.82
CA PRO A 121 -2.67 -10.79 -11.09
C PRO A 121 -4.20 -10.65 -11.08
N TYR A 122 -4.97 -11.70 -11.37
CA TYR A 122 -6.45 -11.59 -11.31
C TYR A 122 -6.95 -11.48 -9.88
N LEU A 123 -6.30 -12.22 -8.99
CA LEU A 123 -6.57 -12.07 -7.55
C LEU A 123 -6.33 -10.61 -7.14
N VAL A 124 -5.20 -10.06 -7.56
CA VAL A 124 -4.87 -8.66 -7.21
C VAL A 124 -5.94 -7.70 -7.82
N LYS A 125 -6.36 -7.95 -9.07
CA LYS A 125 -7.44 -7.11 -9.64
C LYS A 125 -8.71 -7.17 -8.76
N ARG A 126 -9.11 -8.36 -8.32
CA ARG A 126 -10.29 -8.53 -7.50
C ARG A 126 -10.12 -7.79 -6.18
N ILE A 127 -8.90 -7.80 -5.64
CA ILE A 127 -8.59 -7.03 -4.40
C ILE A 127 -8.77 -5.52 -4.66
N GLY A 128 -8.29 -5.04 -5.84
CA GLY A 128 -8.56 -3.62 -6.22
C GLY A 128 -10.03 -3.31 -6.27
N GLU A 129 -10.82 -4.22 -6.89
CA GLU A 129 -12.27 -4.03 -6.97
C GLU A 129 -12.91 -3.93 -5.57
N ALA A 130 -12.53 -4.82 -4.67
CA ALA A 130 -13.09 -4.83 -3.33
C ALA A 130 -12.64 -3.62 -2.55
N THR A 131 -11.38 -3.22 -2.74
CA THR A 131 -10.86 -2.02 -2.04
C THR A 131 -11.58 -0.78 -2.49
N ALA A 132 -11.85 -0.66 -3.79
CA ALA A 132 -12.61 0.52 -4.26
C ALA A 132 -13.98 0.64 -3.57
N LEU A 133 -14.66 -0.49 -3.41
CA LEU A 133 -16.00 -0.48 -2.79
C LEU A 133 -15.89 -0.06 -1.32
N GLU A 134 -14.86 -0.55 -0.62
CA GLU A 134 -14.71 -0.17 0.83
C GLU A 134 -14.23 1.27 1.02
N VAL A 135 -13.46 1.78 0.06
CA VAL A 135 -13.08 3.23 0.07
C VAL A 135 -14.34 4.05 -0.16
N ARG A 136 -15.11 3.68 -1.20
CA ARG A 136 -16.37 4.45 -1.45
C ARG A 136 -17.42 4.28 -0.33
N ALA A 137 -17.34 3.15 0.44
CA ALA A 137 -18.20 3.05 1.64
C ALA A 137 -17.98 4.16 2.63
N THR A 138 -16.77 4.74 2.60
CA THR A 138 -16.40 5.82 3.56
C THR A 138 -16.49 7.19 2.90
N GLY A 139 -17.00 7.22 1.66
CA GLY A 139 -17.19 8.53 0.96
C GLY A 139 -15.95 9.01 0.23
N ILE A 140 -14.86 8.25 0.26
CA ILE A 140 -13.59 8.71 -0.30
C ILE A 140 -13.46 8.28 -1.75
N GLN A 141 -12.83 9.13 -2.57
CA GLN A 141 -12.86 8.89 -4.04
C GLN A 141 -11.51 8.55 -4.66
N TYR A 142 -10.44 8.46 -3.84
CA TYR A 142 -9.08 8.46 -4.37
C TYR A 142 -8.18 7.69 -3.41
N ALA A 143 -7.52 6.67 -3.93
CA ALA A 143 -6.60 5.87 -3.14
C ALA A 143 -5.14 6.05 -3.63
N PHE A 144 -4.24 6.27 -2.69
CA PHE A 144 -2.80 6.43 -3.04
C PHE A 144 -2.16 5.04 -3.19
N ALA A 145 -2.57 4.31 -4.22
CA ALA A 145 -2.08 2.96 -4.51
C ALA A 145 -2.31 2.71 -6.02
N PRO A 146 -1.50 1.83 -6.62
CA PRO A 146 -0.50 0.96 -6.01
C PRO A 146 0.87 1.57 -5.85
N CYS A 147 1.53 1.15 -4.77
CA CYS A 147 2.99 1.27 -4.71
C CYS A 147 3.60 0.23 -5.66
N ILE A 148 4.22 0.74 -6.72
CA ILE A 148 4.89 -0.11 -7.74
C ILE A 148 6.41 0.00 -7.62
N ALA A 149 6.89 0.27 -6.40
CA ALA A 149 8.32 0.15 -6.07
C ALA A 149 8.80 -1.28 -6.33
N VAL A 150 10.01 -1.39 -6.89
CA VAL A 150 10.69 -2.64 -7.06
C VAL A 150 11.76 -2.68 -5.98
N CYS A 151 11.46 -3.32 -4.86
CA CYS A 151 12.37 -3.25 -3.71
C CYS A 151 13.62 -4.13 -3.95
N ARG A 152 14.78 -3.48 -4.02
CA ARG A 152 16.03 -4.21 -4.33
C ARG A 152 16.89 -4.45 -3.10
N ASP A 153 16.44 -4.02 -1.91
CA ASP A 153 17.18 -4.24 -0.67
C ASP A 153 16.19 -4.35 0.48
N PRO A 154 16.05 -5.55 1.07
CA PRO A 154 14.98 -5.74 2.06
C PRO A 154 15.21 -4.97 3.36
N ARG A 155 16.34 -4.26 3.51
CA ARG A 155 16.53 -3.44 4.70
C ARG A 155 15.61 -2.18 4.63
N TRP A 156 15.08 -1.88 3.43
CA TRP A 156 14.10 -0.78 3.30
C TRP A 156 12.88 -1.05 4.17
N GLY A 157 12.48 -0.04 4.94
CA GLY A 157 11.31 -0.19 5.83
C GLY A 157 10.00 -0.26 5.12
N ARG A 158 9.98 -0.03 3.81
CA ARG A 158 8.73 -0.17 3.07
C ARG A 158 8.75 -1.36 2.12
N CYS A 159 9.72 -2.30 2.28
CA CYS A 159 9.86 -3.39 1.32
C CYS A 159 8.53 -4.22 1.19
N TYR A 160 7.76 -4.34 2.28
CA TYR A 160 6.49 -5.07 2.21
C TYR A 160 5.45 -4.41 1.29
N GLU A 161 5.65 -3.12 0.95
CA GLU A 161 4.77 -2.46 -0.03
C GLU A 161 5.19 -2.71 -1.48
N SER A 162 6.26 -3.49 -1.69
CA SER A 162 6.68 -3.84 -3.03
C SER A 162 6.28 -5.29 -3.35
N TYR A 163 5.62 -5.46 -4.48
CA TYR A 163 5.24 -6.85 -4.86
C TYR A 163 6.43 -7.80 -5.03
N SER A 164 7.58 -7.28 -5.46
CA SER A 164 8.70 -8.18 -5.81
C SER A 164 9.96 -7.36 -6.04
N GLU A 165 11.11 -8.03 -5.90
CA GLU A 165 12.39 -7.50 -6.43
C GLU A 165 12.52 -7.64 -7.97
N ASP A 166 11.64 -8.45 -8.58
CA ASP A 166 11.59 -8.70 -10.03
C ASP A 166 10.51 -7.79 -10.63
N ARG A 167 10.97 -6.83 -11.44
CA ARG A 167 10.03 -5.89 -12.06
C ARG A 167 8.95 -6.57 -12.89
N ARG A 168 9.23 -7.77 -13.42
CA ARG A 168 8.18 -8.46 -14.18
C ARG A 168 6.94 -8.79 -13.32
N ILE A 169 7.18 -9.18 -12.09
CA ILE A 169 6.09 -9.47 -11.16
C ILE A 169 5.36 -8.17 -10.79
N VAL A 170 6.13 -7.11 -10.50
CA VAL A 170 5.50 -5.79 -10.25
C VAL A 170 4.65 -5.34 -11.44
N GLN A 171 5.20 -5.43 -12.67
CA GLN A 171 4.38 -5.13 -13.85
C GLN A 171 3.09 -5.94 -13.89
N SER A 172 3.17 -7.27 -13.62
CA SER A 172 1.93 -8.07 -13.68
C SER A 172 0.86 -7.59 -12.67
N MET A 173 1.33 -7.10 -11.51
CA MET A 173 0.40 -6.72 -10.44
C MET A 173 -0.16 -5.31 -10.60
N THR A 174 0.23 -4.62 -11.66
CA THR A 174 -0.47 -3.35 -11.98
C THR A 174 -1.94 -3.59 -12.33
N GLU A 175 -2.38 -4.86 -12.42
CA GLU A 175 -3.80 -5.16 -12.50
C GLU A 175 -4.60 -4.60 -11.32
N LEU A 176 -3.93 -4.20 -10.24
CA LEU A 176 -4.64 -3.51 -9.19
C LEU A 176 -5.38 -2.29 -9.71
N ILE A 177 -4.72 -1.60 -10.67
CA ILE A 177 -5.26 -0.34 -11.22
C ILE A 177 -6.67 -0.47 -11.83
N PRO A 178 -6.89 -1.37 -12.81
CA PRO A 178 -8.24 -1.49 -13.34
C PRO A 178 -9.19 -2.13 -12.34
N GLY A 179 -8.67 -2.79 -11.30
CA GLY A 179 -9.54 -3.19 -10.14
C GLY A 179 -10.12 -1.97 -9.44
N LEU A 180 -9.21 -1.09 -9.04
CA LEU A 180 -9.61 0.13 -8.32
C LEU A 180 -10.46 1.08 -9.16
N GLN A 181 -10.07 1.24 -10.45
CA GLN A 181 -10.63 2.30 -11.31
C GLN A 181 -11.68 1.82 -12.30
N GLY A 182 -11.71 0.52 -12.55
CA GLY A 182 -12.52 -0.01 -13.67
C GLY A 182 -11.65 -0.28 -14.87
N ASP A 183 -12.05 -1.26 -15.69
CA ASP A 183 -11.36 -1.49 -16.97
C ASP A 183 -11.54 -0.37 -17.99
N VAL A 184 -10.44 -0.04 -18.68
CA VAL A 184 -10.45 0.98 -19.76
C VAL A 184 -11.18 0.40 -20.99
N PRO A 185 -11.84 1.27 -21.75
CA PRO A 185 -12.47 0.79 -23.03
C PRO A 185 -11.45 0.27 -24.06
N LYS A 186 -11.91 -0.50 -25.06
CA LYS A 186 -10.99 -1.09 -26.04
C LYS A 186 -10.18 -0.05 -26.82
N ASP A 187 -10.80 1.10 -27.06
CA ASP A 187 -10.23 2.20 -27.84
C ASP A 187 -9.23 3.09 -27.07
N PHE A 188 -8.87 2.69 -25.84
CA PHE A 188 -8.22 3.60 -24.90
C PHE A 188 -6.81 4.06 -25.28
N THR A 189 -6.54 5.35 -25.13
CA THR A 189 -5.17 5.87 -25.36
C THR A 189 -4.29 5.80 -24.10
N SER A 190 -3.18 5.06 -24.20
CA SER A 190 -2.23 4.94 -23.08
C SER A 190 -1.82 6.32 -22.56
N GLY A 191 -1.87 6.46 -21.23
CA GLY A 191 -1.52 7.72 -20.57
C GLY A 191 -2.70 8.60 -20.18
N MET A 192 -3.87 8.33 -20.76
CA MET A 192 -5.07 9.06 -20.33
C MET A 192 -5.51 8.54 -18.95
N PRO A 193 -6.13 9.40 -18.15
CA PRO A 193 -6.66 8.92 -16.86
C PRO A 193 -8.02 8.29 -17.08
N PHE A 194 -8.38 7.38 -16.20
CA PHE A 194 -9.67 6.74 -16.28
C PHE A 194 -10.20 6.37 -14.90
N VAL A 195 -11.48 6.64 -14.65
CA VAL A 195 -12.21 6.01 -13.53
C VAL A 195 -13.63 5.78 -14.05
N ALA A 196 -14.22 4.60 -13.78
CA ALA A 196 -15.49 4.28 -14.39
C ALA A 196 -16.70 5.02 -13.89
N GLY A 197 -16.68 5.49 -12.67
CA GLY A 197 -17.84 6.13 -12.04
C GLY A 197 -17.80 6.01 -10.53
N LYS A 198 -18.98 6.13 -9.89
CA LYS A 198 -19.07 6.46 -8.46
C LYS A 198 -18.76 5.25 -7.60
N ASN A 199 -18.68 4.04 -8.20
CA ASN A 199 -18.37 2.85 -7.43
C ASN A 199 -16.89 2.43 -7.52
N LYS A 200 -16.09 3.29 -8.18
CA LYS A 200 -14.66 3.07 -8.40
C LYS A 200 -13.94 4.30 -7.82
N VAL A 201 -12.64 4.18 -7.68
CA VAL A 201 -11.81 5.29 -7.17
C VAL A 201 -10.68 5.63 -8.12
N ALA A 202 -10.23 6.90 -8.10
CA ALA A 202 -8.96 7.22 -8.77
C ALA A 202 -7.79 6.49 -8.08
N ALA A 203 -6.86 5.97 -8.86
CA ALA A 203 -5.65 5.31 -8.36
C ALA A 203 -4.40 6.21 -8.45
N CYS A 204 -3.26 5.71 -7.96
CA CYS A 204 -2.03 6.48 -7.91
C CYS A 204 -0.85 5.53 -7.98
N ALA A 205 -0.13 5.54 -9.10
CA ALA A 205 1.10 4.74 -9.18
C ALA A 205 2.18 5.51 -8.43
N LYS A 206 2.83 4.87 -7.46
CA LYS A 206 3.81 5.59 -6.61
C LYS A 206 5.00 4.69 -6.28
N HIS A 207 6.16 5.21 -5.90
CA HIS A 207 6.50 6.64 -5.92
C HIS A 207 7.54 6.83 -7.03
N PHE A 208 7.28 7.80 -7.91
CA PHE A 208 8.02 7.93 -9.17
C PHE A 208 9.33 8.65 -8.88
N VAL A 209 10.50 8.05 -9.14
CA VAL A 209 10.75 6.68 -9.61
C VAL A 209 12.03 6.21 -8.93
N GLY A 210 12.14 4.90 -8.73
CA GLY A 210 13.36 4.34 -8.09
C GLY A 210 13.34 4.32 -6.58
N ASP A 211 12.13 4.42 -6.00
CA ASP A 211 11.98 4.34 -4.56
C ASP A 211 12.47 3.04 -3.94
N GLY A 212 12.41 1.96 -4.73
CA GLY A 212 12.92 0.66 -4.25
C GLY A 212 14.42 0.47 -4.46
N GLY A 213 15.11 1.51 -4.91
CA GLY A 213 16.49 1.32 -5.35
C GLY A 213 17.49 1.42 -4.23
N THR A 214 17.14 2.26 -3.24
CA THR A 214 18.08 3.14 -2.49
C THR A 214 19.33 2.47 -1.84
N VAL A 215 20.43 3.24 -1.75
CA VAL A 215 21.70 2.80 -1.12
C VAL A 215 21.48 2.43 0.36
N ASP A 216 21.98 1.25 0.75
CA ASP A 216 21.79 0.66 2.11
C ASP A 216 20.32 0.38 2.48
N GLY A 217 19.43 0.48 1.49
CA GLY A 217 17.99 0.45 1.73
C GLY A 217 17.50 1.64 2.56
N ILE A 218 18.31 2.70 2.61
CA ILE A 218 17.98 3.92 3.37
C ILE A 218 16.83 4.69 2.68
N ASN A 219 15.72 4.79 3.41
CA ASN A 219 14.49 5.46 2.98
C ASN A 219 14.68 6.95 2.67
N GLU A 220 13.96 7.45 1.66
CA GLU A 220 13.96 8.88 1.27
C GLU A 220 15.38 9.37 0.93
N ASN A 221 16.12 8.59 0.15
CA ASN A 221 17.56 8.85 -0.03
C ASN A 221 18.02 8.74 -1.49
N ASN A 222 19.27 8.35 -1.68
CA ASN A 222 19.86 8.33 -3.02
C ASN A 222 19.82 6.95 -3.68
N THR A 223 19.11 6.84 -4.79
CA THR A 223 19.25 5.63 -5.63
C THR A 223 20.32 5.89 -6.67
N ILE A 224 21.42 5.14 -6.58
CA ILE A 224 22.52 5.25 -7.54
C ILE A 224 22.41 4.09 -8.51
N ILE A 225 22.16 4.41 -9.77
CA ILE A 225 22.03 3.42 -10.85
C ILE A 225 22.08 4.17 -12.17
N ASN A 226 22.67 3.58 -13.20
CA ASN A 226 22.64 4.25 -14.49
C ASN A 226 21.25 4.26 -15.12
N ARG A 227 21.08 5.08 -16.17
CA ARG A 227 19.82 5.12 -16.91
C ARG A 227 19.36 3.71 -17.33
N GLU A 228 20.25 2.85 -17.84
CA GLU A 228 19.75 1.54 -18.27
C GLU A 228 19.09 0.78 -17.11
N GLY A 229 19.67 0.84 -15.91
CA GLY A 229 19.11 0.21 -14.71
C GLY A 229 17.84 0.88 -14.19
N LEU A 230 17.81 2.21 -14.20
CA LEU A 230 16.56 2.94 -13.90
C LEU A 230 15.49 2.46 -14.86
N MET A 231 15.82 2.43 -16.16
CA MET A 231 14.83 2.08 -17.17
C MET A 231 14.49 0.60 -17.26
N ASN A 232 15.37 -0.28 -16.82
CA ASN A 232 15.06 -1.69 -16.99
C ASN A 232 14.51 -2.33 -15.72
N ILE A 233 14.71 -1.67 -14.57
CA ILE A 233 14.21 -2.21 -13.28
C ILE A 233 13.07 -1.35 -12.74
N HIS A 234 13.34 -0.07 -12.55
CA HIS A 234 12.44 0.81 -11.77
C HIS A 234 11.31 1.49 -12.52
N MET A 235 11.48 1.66 -13.83
CA MET A 235 10.54 2.39 -14.65
C MET A 235 9.46 1.55 -15.35
N PRO A 236 9.75 0.32 -15.79
CA PRO A 236 8.75 -0.34 -16.65
C PRO A 236 7.30 -0.42 -16.18
N ALA A 237 7.09 -0.69 -14.88
CA ALA A 237 5.72 -0.79 -14.40
C ALA A 237 4.90 0.53 -14.53
N TYR A 238 5.60 1.66 -14.61
CA TYR A 238 4.92 2.97 -14.90
C TYR A 238 4.30 2.94 -16.30
N LYS A 239 4.98 2.33 -17.27
CA LYS A 239 4.36 2.25 -18.59
C LYS A 239 3.14 1.34 -18.55
N ASN A 240 3.22 0.19 -17.85
CA ASN A 240 2.01 -0.61 -17.71
C ASN A 240 0.85 0.19 -17.05
N ALA A 241 1.20 1.02 -16.06
CA ALA A 241 0.21 1.88 -15.40
C ALA A 241 -0.41 2.88 -16.39
N MET A 242 0.40 3.46 -17.28
CA MET A 242 -0.17 4.30 -18.34
C MET A 242 -1.14 3.51 -19.24
N ASP A 243 -0.73 2.31 -19.63
CA ASP A 243 -1.59 1.49 -20.46
C ASP A 243 -2.95 1.17 -19.85
N LYS A 244 -3.01 1.19 -18.51
CA LYS A 244 -4.22 0.86 -17.79
C LYS A 244 -4.95 2.10 -17.29
N GLY A 245 -4.48 3.27 -17.69
CA GLY A 245 -5.18 4.52 -17.38
C GLY A 245 -5.09 5.02 -15.95
N VAL A 246 -3.96 4.75 -15.28
CA VAL A 246 -3.82 5.26 -13.90
C VAL A 246 -4.08 6.77 -13.85
N SER A 247 -4.85 7.23 -12.85
CA SER A 247 -5.31 8.61 -12.94
C SER A 247 -4.27 9.61 -12.44
N THR A 248 -3.43 9.20 -11.49
CA THR A 248 -2.44 10.05 -10.87
C THR A 248 -1.14 9.29 -10.66
N VAL A 249 -0.07 10.07 -10.49
CA VAL A 249 1.26 9.54 -10.15
C VAL A 249 1.83 10.36 -9.00
N MET A 250 2.33 9.70 -7.95
CA MET A 250 2.93 10.45 -6.83
C MET A 250 4.46 10.36 -6.95
N ILE A 251 5.14 11.48 -6.76
CA ILE A 251 6.60 11.54 -6.84
C ILE A 251 7.28 11.07 -5.54
N SER A 252 8.46 10.44 -5.71
CA SER A 252 9.24 9.95 -4.59
C SER A 252 10.03 11.03 -3.86
N TYR A 253 10.18 10.85 -2.54
CA TYR A 253 11.21 11.59 -1.77
C TYR A 253 12.62 11.31 -2.26
N SER A 254 12.83 10.17 -2.92
CA SER A 254 14.19 9.78 -3.31
C SER A 254 14.77 10.70 -4.37
N SER A 255 16.07 10.55 -4.57
CA SER A 255 16.77 11.24 -5.64
C SER A 255 17.25 10.17 -6.57
N TRP A 256 17.50 10.55 -7.81
CA TRP A 256 18.15 9.66 -8.75
C TRP A 256 19.49 10.28 -9.12
N ASN A 257 20.57 9.57 -8.79
CA ASN A 257 21.93 10.04 -9.04
C ASN A 257 22.11 11.47 -8.55
N GLY A 258 21.66 11.71 -7.32
CA GLY A 258 21.82 12.99 -6.66
C GLY A 258 20.77 14.07 -6.97
N VAL A 259 19.90 13.86 -7.96
CA VAL A 259 18.87 14.86 -8.30
C VAL A 259 17.54 14.50 -7.63
N LYS A 260 17.01 15.41 -6.81
CA LYS A 260 15.71 15.14 -6.09
C LYS A 260 14.61 14.89 -7.10
N MET A 261 13.82 13.83 -6.89
CA MET A 261 12.74 13.54 -7.81
C MET A 261 11.73 14.67 -7.90
N HIS A 262 11.48 15.31 -6.76
CA HIS A 262 10.53 16.45 -6.69
C HIS A 262 11.04 17.70 -7.44
N ALA A 263 12.29 17.65 -7.91
CA ALA A 263 12.84 18.78 -8.72
C ALA A 263 13.31 18.30 -10.08
N ASN A 264 12.94 17.09 -10.46
CA ASN A 264 13.48 16.50 -11.70
C ASN A 264 12.58 16.72 -12.89
N GLN A 265 12.82 17.85 -13.58
CA GLN A 265 12.06 18.19 -14.75
C GLN A 265 12.29 17.16 -15.87
N ASP A 266 13.52 16.65 -16.01
CA ASP A 266 13.81 15.72 -17.10
C ASP A 266 12.93 14.46 -16.98
N LEU A 267 12.80 13.93 -15.75
CA LEU A 267 12.00 12.72 -15.56
C LEU A 267 10.49 12.99 -15.43
N VAL A 268 10.11 14.02 -14.71
CA VAL A 268 8.67 14.29 -14.48
C VAL A 268 8.01 14.85 -15.73
N THR A 269 8.63 15.86 -16.36
CA THR A 269 8.08 16.44 -17.56
C THR A 269 8.63 15.76 -18.82
N GLY A 270 9.94 15.66 -18.93
CA GLY A 270 10.54 15.10 -20.16
C GLY A 270 10.13 13.67 -20.42
N TYR A 271 10.11 12.85 -19.36
CA TYR A 271 9.79 11.44 -19.55
C TYR A 271 8.32 11.09 -19.26
N LEU A 272 7.86 11.28 -18.01
CA LEU A 272 6.47 10.87 -17.68
C LEU A 272 5.42 11.57 -18.53
N LYS A 273 5.50 12.91 -18.59
CA LYS A 273 4.52 13.66 -19.34
C LYS A 273 4.80 13.61 -20.87
N ASP A 274 6.03 13.93 -21.28
CA ASP A 274 6.29 14.18 -22.71
C ASP A 274 6.61 12.91 -23.51
N THR A 275 7.06 11.85 -22.82
CA THR A 275 7.43 10.61 -23.50
C THR A 275 6.35 9.53 -23.29
N LEU A 276 5.99 9.27 -22.03
CA LEU A 276 4.90 8.35 -21.75
C LEU A 276 3.49 8.88 -22.06
N LYS A 277 3.43 10.19 -22.33
CA LYS A 277 2.20 10.89 -22.63
C LYS A 277 1.15 10.78 -21.50
N PHE A 278 1.63 10.78 -20.27
CA PHE A 278 0.71 10.82 -19.08
C PHE A 278 -0.10 12.13 -19.12
N LYS A 279 -1.43 11.99 -19.03
CA LYS A 279 -2.37 13.13 -19.10
C LYS A 279 -3.20 13.30 -17.81
N GLY A 280 -2.95 12.43 -16.83
CA GLY A 280 -3.54 12.65 -15.49
C GLY A 280 -2.72 13.67 -14.71
N PHE A 281 -2.94 13.71 -13.39
CA PHE A 281 -2.16 14.64 -12.57
C PHE A 281 -1.05 14.02 -11.73
N VAL A 282 0.02 14.77 -11.56
CA VAL A 282 1.17 14.39 -10.80
C VAL A 282 1.11 15.08 -9.43
N ILE A 283 1.14 14.29 -8.37
CA ILE A 283 1.02 14.80 -7.02
C ILE A 283 2.36 14.64 -6.23
N SER A 284 2.70 15.58 -5.34
CA SER A 284 3.90 15.42 -4.52
C SER A 284 3.65 14.36 -3.46
N ASP A 285 4.73 13.90 -2.84
CA ASP A 285 4.59 13.22 -1.57
C ASP A 285 4.44 14.22 -0.41
N TRP A 286 4.29 13.70 0.80
CA TRP A 286 3.94 14.50 1.98
C TRP A 286 5.12 15.38 2.37
N GLU A 287 4.91 16.69 2.23
CA GLU A 287 6.05 17.65 2.40
C GLU A 287 7.21 17.27 1.48
N GLY A 288 6.92 16.65 0.35
CA GLY A 288 7.99 16.25 -0.59
C GLY A 288 8.75 17.46 -1.16
N ILE A 289 8.05 18.56 -1.35
CA ILE A 289 8.74 19.71 -1.95
C ILE A 289 9.65 20.34 -0.89
N ASP A 290 9.23 20.31 0.37
CA ASP A 290 10.06 20.80 1.49
C ASP A 290 11.41 20.10 1.50
N ARG A 291 11.38 18.80 1.18
CA ARG A 291 12.57 17.96 1.30
C ARG A 291 13.49 18.04 0.08
N ILE A 292 13.19 18.93 -0.87
CA ILE A 292 14.12 19.26 -1.98
C ILE A 292 15.39 19.87 -1.40
N THR A 293 15.23 20.68 -0.36
CA THR A 293 16.37 21.38 0.29
C THR A 293 16.93 20.62 1.49
N THR A 294 18.21 20.90 1.83
CA THR A 294 18.81 20.40 3.05
C THR A 294 19.30 21.60 3.87
N PRO A 295 18.77 21.79 5.08
CA PRO A 295 17.70 21.03 5.73
C PRO A 295 16.36 21.18 4.97
N ALA A 296 15.44 20.25 5.24
CA ALA A 296 14.11 20.33 4.65
C ALA A 296 13.46 21.62 5.10
N GLY A 297 12.74 22.26 4.21
CA GLY A 297 11.93 23.42 4.59
C GLY A 297 12.68 24.73 4.73
N SER A 298 13.98 24.70 4.45
CA SER A 298 14.85 25.89 4.70
C SER A 298 14.77 26.95 3.59
N ASP A 299 14.15 26.62 2.47
CA ASP A 299 13.87 27.64 1.44
C ASP A 299 12.61 27.21 0.71
N TYR A 300 11.47 27.44 1.37
CA TYR A 300 10.19 26.99 0.79
C TYR A 300 9.86 27.70 -0.52
N SER A 301 10.27 28.98 -0.66
CA SER A 301 10.12 29.63 -1.95
C SER A 301 10.76 28.84 -3.10
N TYR A 302 12.01 28.37 -2.88
CA TYR A 302 12.67 27.54 -3.89
C TYR A 302 11.95 26.18 -4.10
N SER A 303 11.55 25.58 -2.99
CA SER A 303 10.80 24.31 -3.09
C SER A 303 9.59 24.45 -4.01
N VAL A 304 8.82 25.53 -3.86
CA VAL A 304 7.66 25.76 -4.72
C VAL A 304 8.08 25.97 -6.15
N LYS A 305 9.07 26.87 -6.36
CA LYS A 305 9.51 27.06 -7.72
C LYS A 305 10.02 25.79 -8.41
N ALA A 306 10.90 25.05 -7.73
CA ALA A 306 11.57 23.90 -8.32
C ALA A 306 10.58 22.79 -8.67
N SER A 307 9.62 22.59 -7.76
CA SER A 307 8.66 21.50 -7.93
C SER A 307 7.65 21.79 -9.02
N ILE A 308 7.12 23.02 -9.03
CA ILE A 308 6.13 23.36 -10.04
C ILE A 308 6.78 23.43 -11.43
N LEU A 309 7.99 24.02 -11.50
CA LEU A 309 8.69 24.03 -12.76
C LEU A 309 9.14 22.65 -13.22
N ALA A 310 9.37 21.73 -12.27
CA ALA A 310 9.69 20.35 -12.64
C ALA A 310 8.52 19.62 -13.32
N GLY A 311 7.29 20.11 -13.07
CA GLY A 311 6.08 19.56 -13.69
C GLY A 311 5.09 18.96 -12.70
N LEU A 312 5.32 19.14 -11.40
CA LEU A 312 4.27 18.62 -10.43
C LEU A 312 2.99 19.44 -10.57
N ASP A 313 1.83 18.80 -10.39
CA ASP A 313 0.54 19.48 -10.63
C ASP A 313 -0.21 19.82 -9.36
N MET A 314 -0.17 18.89 -8.37
CA MET A 314 -0.86 19.07 -7.08
C MET A 314 0.14 18.86 -5.99
N ILE A 315 0.15 19.74 -4.99
CA ILE A 315 1.08 19.63 -3.89
C ILE A 315 0.34 19.19 -2.61
N MET A 316 0.81 18.05 -2.07
CA MET A 316 0.38 17.52 -0.77
C MET A 316 1.14 18.40 0.23
N VAL A 317 0.48 19.47 0.64
CA VAL A 317 1.23 20.53 1.35
C VAL A 317 1.85 19.99 2.66
N PRO A 318 1.05 19.33 3.56
CA PRO A 318 -0.40 19.28 3.58
C PRO A 318 -0.97 20.27 4.64
N ASN A 319 -0.11 20.95 5.44
CA ASN A 319 -0.58 21.78 6.55
C ASN A 319 -0.45 23.28 6.27
N LYS A 320 0.70 23.73 5.74
CA LYS A 320 0.97 25.17 5.54
C LYS A 320 0.41 25.69 4.24
N TYR A 321 -0.91 25.54 4.06
CA TYR A 321 -1.51 25.93 2.77
C TYR A 321 -1.42 27.45 2.50
N GLN A 322 -1.56 28.28 3.53
CA GLN A 322 -1.55 29.75 3.33
C GLN A 322 -0.19 30.17 2.77
N GLN A 323 0.86 29.62 3.33
CA GLN A 323 2.24 29.90 2.80
C GLN A 323 2.43 29.34 1.42
N PHE A 324 1.95 28.10 1.18
CA PHE A 324 2.06 27.57 -0.16
C PHE A 324 1.37 28.44 -1.22
N ILE A 325 0.08 28.77 -0.99
CA ILE A 325 -0.69 29.55 -1.95
C ILE A 325 -0.03 30.96 -2.11
N SER A 326 0.39 31.53 -0.99
CA SER A 326 1.02 32.87 -1.06
C SER A 326 2.30 32.88 -1.90
N ILE A 327 3.19 31.89 -1.66
CA ILE A 327 4.44 31.80 -2.42
C ILE A 327 4.21 31.53 -3.88
N LEU A 328 3.32 30.58 -4.21
CA LEU A 328 3.08 30.30 -5.63
C LEU A 328 2.44 31.52 -6.33
N THR A 329 1.48 32.19 -5.67
CA THR A 329 0.83 33.36 -6.25
C THR A 329 1.92 34.41 -6.54
N GLY A 330 2.81 34.58 -5.58
CA GLY A 330 3.92 35.55 -5.76
C GLY A 330 4.80 35.22 -6.94
N HIS A 331 5.18 33.94 -7.07
CA HIS A 331 5.95 33.53 -8.25
C HIS A 331 5.25 33.80 -9.54
N VAL A 332 3.94 33.48 -9.62
CA VAL A 332 3.21 33.74 -10.85
C VAL A 332 3.16 35.26 -11.13
N ASN A 333 2.85 36.04 -10.12
N ASN A 333 2.83 36.03 -10.10
CA ASN A 333 2.70 37.49 -10.29
C ASN A 333 4.01 38.15 -10.71
N GLY A 334 5.12 37.51 -10.35
CA GLY A 334 6.48 38.02 -10.61
C GLY A 334 7.05 37.48 -11.91
N GLY A 335 6.28 36.64 -12.62
CA GLY A 335 6.73 36.04 -13.86
C GLY A 335 7.75 34.94 -13.76
N VAL A 336 7.99 34.42 -12.54
CA VAL A 336 8.97 33.36 -12.28
C VAL A 336 8.42 32.00 -12.73
N ILE A 337 7.10 31.83 -12.55
CA ILE A 337 6.40 30.63 -13.06
C ILE A 337 5.37 31.11 -14.07
N PRO A 338 5.42 30.63 -15.30
CA PRO A 338 4.49 31.14 -16.31
C PRO A 338 3.08 30.62 -16.11
N MET A 339 2.10 31.38 -16.60
CA MET A 339 0.72 30.93 -16.55
C MET A 339 0.49 29.61 -17.28
N SER A 340 1.27 29.30 -18.31
CA SER A 340 1.10 28.04 -19.08
C SER A 340 1.30 26.86 -18.13
N ARG A 341 2.20 27.01 -17.16
CA ARG A 341 2.51 25.89 -16.20
C ARG A 341 1.34 25.70 -15.24
N ILE A 342 0.79 26.78 -14.70
CA ILE A 342 -0.42 26.73 -13.84
C ILE A 342 -1.57 26.12 -14.63
N ASP A 343 -1.74 26.56 -15.88
CA ASP A 343 -2.90 26.13 -16.67
C ASP A 343 -2.76 24.63 -16.99
N ASP A 344 -1.54 24.12 -17.19
CA ASP A 344 -1.34 22.69 -17.47
C ASP A 344 -1.70 21.89 -16.21
N ALA A 345 -1.25 22.38 -15.05
CA ALA A 345 -1.49 21.67 -13.77
C ALA A 345 -2.99 21.58 -13.54
N VAL A 346 -3.70 22.70 -13.72
CA VAL A 346 -5.13 22.72 -13.45
C VAL A 346 -5.89 21.89 -14.52
N THR A 347 -5.46 21.97 -15.79
CA THR A 347 -6.06 21.15 -16.81
C THR A 347 -6.05 19.67 -16.38
N ARG A 348 -4.92 19.19 -15.90
CA ARG A 348 -4.75 17.76 -15.53
C ARG A 348 -5.62 17.43 -14.33
N ILE A 349 -5.63 18.30 -13.31
CA ILE A 349 -6.45 18.04 -12.12
C ILE A 349 -7.94 18.01 -12.48
N LEU A 350 -8.39 19.00 -13.23
CA LEU A 350 -9.77 19.00 -13.71
C LEU A 350 -10.07 17.83 -14.62
N ARG A 351 -9.12 17.45 -15.47
CA ARG A 351 -9.37 16.29 -16.35
C ARG A 351 -9.71 15.05 -15.53
N VAL A 352 -8.93 14.83 -14.46
CA VAL A 352 -9.19 13.62 -13.61
C VAL A 352 -10.54 13.75 -12.94
N LYS A 353 -10.87 14.95 -12.40
CA LYS A 353 -12.16 15.13 -11.71
C LYS A 353 -13.35 14.93 -12.63
N PHE A 354 -13.29 15.55 -13.81
CA PHE A 354 -14.42 15.38 -14.73
C PHE A 354 -14.55 13.93 -15.22
N THR A 355 -13.41 13.32 -15.59
CA THR A 355 -13.39 11.95 -16.14
C THR A 355 -14.01 10.96 -15.16
N MET A 356 -13.73 11.14 -13.87
CA MET A 356 -14.19 10.20 -12.85
C MET A 356 -15.63 10.40 -12.42
N GLY A 357 -16.30 11.45 -12.92
CA GLY A 357 -17.67 11.73 -12.57
C GLY A 357 -17.91 12.56 -11.33
N LEU A 358 -16.82 13.16 -10.83
CA LEU A 358 -16.87 13.86 -9.56
C LEU A 358 -17.81 15.07 -9.56
N PHE A 359 -17.93 15.71 -10.74
CA PHE A 359 -18.90 16.83 -10.81
C PHE A 359 -20.37 16.36 -10.78
N GLU A 360 -20.57 15.09 -11.15
CA GLU A 360 -21.93 14.53 -11.20
C GLU A 360 -22.30 13.86 -9.90
N ASN A 361 -21.28 13.34 -9.19
CA ASN A 361 -21.50 12.67 -7.89
C ASN A 361 -20.47 13.13 -6.87
N PRO A 362 -20.56 14.38 -6.45
CA PRO A 362 -19.59 14.89 -5.47
C PRO A 362 -19.75 14.38 -4.05
N TYR A 363 -20.93 13.83 -3.73
CA TYR A 363 -21.26 13.44 -2.33
C TYR A 363 -21.28 11.92 -2.21
N ALA A 364 -21.14 11.48 -0.97
CA ALA A 364 -21.11 10.04 -0.67
C ALA A 364 -22.48 9.39 -0.88
N ASP A 365 -22.44 8.08 -1.18
CA ASP A 365 -23.69 7.31 -1.30
C ASP A 365 -23.93 6.55 0.01
N PRO A 366 -24.93 6.97 0.80
CA PRO A 366 -25.15 6.24 2.06
C PRO A 366 -25.42 4.75 1.87
N ALA A 367 -25.93 4.33 0.71
CA ALA A 367 -26.15 2.89 0.45
C ALA A 367 -24.86 2.10 0.33
N MET A 368 -23.72 2.79 0.22
CA MET A 368 -22.43 2.09 0.11
C MET A 368 -21.79 1.81 1.47
N ALA A 369 -22.31 2.38 2.54
CA ALA A 369 -21.69 2.23 3.87
C ALA A 369 -21.52 0.77 4.24
N GLU A 370 -22.52 -0.04 3.89
CA GLU A 370 -22.55 -1.48 4.23
C GLU A 370 -21.52 -2.31 3.45
N GLN A 371 -20.80 -1.76 2.48
CA GLN A 371 -19.71 -2.49 1.81
C GLN A 371 -18.49 -2.69 2.71
N LEU A 372 -18.36 -1.87 3.76
CA LEU A 372 -17.19 -1.91 4.62
C LEU A 372 -17.14 -3.28 5.33
N GLY A 373 -15.99 -3.96 5.24
CA GLY A 373 -15.82 -5.26 5.93
C GLY A 373 -16.74 -6.38 5.45
N LYS A 374 -17.33 -6.28 4.24
CA LYS A 374 -18.32 -7.28 3.78
C LYS A 374 -17.70 -8.68 3.77
N GLN A 375 -18.48 -9.67 4.15
CA GLN A 375 -17.97 -11.01 4.21
C GLN A 375 -17.38 -11.47 2.86
N GLU A 376 -17.96 -11.11 1.72
CA GLU A 376 -17.41 -11.55 0.43
C GLU A 376 -15.97 -11.03 0.26
N HIS A 377 -15.68 -9.84 0.79
CA HIS A 377 -14.36 -9.29 0.68
C HIS A 377 -13.39 -9.93 1.69
N ARG A 378 -13.93 -10.32 2.85
CA ARG A 378 -13.11 -11.08 3.79
C ARG A 378 -12.80 -12.47 3.22
N ASP A 379 -13.76 -13.10 2.54
CA ASP A 379 -13.48 -14.38 1.87
C ASP A 379 -12.36 -14.21 0.80
N LEU A 380 -12.34 -13.09 0.08
CA LEU A 380 -11.29 -12.79 -0.90
C LEU A 380 -9.95 -12.60 -0.16
N ALA A 381 -9.95 -11.84 0.94
CA ALA A 381 -8.70 -11.62 1.67
C ALA A 381 -8.15 -12.92 2.23
N ARG A 382 -9.06 -13.81 2.66
CA ARG A 382 -8.70 -15.17 3.18
C ARG A 382 -8.04 -15.99 2.06
N GLU A 383 -8.64 -15.96 0.87
CA GLU A 383 -8.05 -16.62 -0.32
C GLU A 383 -6.65 -16.07 -0.58
N ALA A 384 -6.53 -14.73 -0.56
CA ALA A 384 -5.24 -14.11 -0.88
C ALA A 384 -4.18 -14.45 0.18
N ALA A 385 -4.59 -14.42 1.46
CA ALA A 385 -3.65 -14.76 2.53
C ALA A 385 -3.13 -16.20 2.34
N ARG A 386 -4.05 -17.14 2.09
CA ARG A 386 -3.63 -18.55 1.91
C ARG A 386 -2.69 -18.70 0.69
N LYS A 387 -2.99 -18.01 -0.42
CA LYS A 387 -2.15 -18.10 -1.62
C LYS A 387 -0.81 -17.44 -1.45
N SER A 388 -0.70 -16.49 -0.50
CA SER A 388 0.54 -15.78 -0.31
C SER A 388 1.55 -16.59 0.50
N LEU A 389 1.10 -17.65 1.20
CA LEU A 389 2.01 -18.35 2.15
C LEU A 389 3.07 -19.14 1.35
N VAL A 390 4.31 -19.06 1.82
CA VAL A 390 5.39 -19.82 1.14
C VAL A 390 5.90 -20.84 2.15
N LEU A 391 5.73 -22.11 1.82
CA LEU A 391 6.23 -23.21 2.66
C LEU A 391 7.72 -23.38 2.42
N LEU A 392 8.51 -23.11 3.46
CA LEU A 392 9.99 -23.16 3.35
C LEU A 392 10.55 -24.49 3.77
N LYS A 393 9.87 -25.21 4.67
CA LYS A 393 10.39 -26.48 5.21
C LYS A 393 9.15 -27.28 5.64
N ASN A 394 9.19 -28.60 5.45
CA ASN A 394 8.10 -29.47 5.89
C ASN A 394 8.68 -30.83 6.22
N GLY A 395 9.52 -30.84 7.25
CA GLY A 395 10.18 -32.05 7.79
C GLY A 395 11.67 -31.76 7.99
N LYS A 396 12.22 -32.23 9.11
CA LYS A 396 13.67 -31.94 9.43
C LYS A 396 14.66 -32.75 8.63
N THR A 397 14.26 -33.93 8.19
CA THR A 397 15.11 -34.74 7.36
C THR A 397 14.34 -35.21 6.16
N SER A 398 15.06 -35.73 5.18
CA SER A 398 14.45 -36.14 3.93
C SER A 398 13.60 -37.41 4.18
N THR A 399 13.72 -38.01 5.37
CA THR A 399 13.05 -39.26 5.65
C THR A 399 11.91 -39.09 6.71
N ASP A 400 11.75 -37.89 7.26
CA ASP A 400 10.69 -37.67 8.24
C ASP A 400 9.30 -37.61 7.60
N ALA A 401 8.27 -37.95 8.35
CA ALA A 401 6.88 -37.70 7.93
C ALA A 401 6.72 -36.19 7.68
N PRO A 402 6.04 -35.81 6.60
CA PRO A 402 5.77 -34.36 6.43
C PRO A 402 4.83 -33.94 7.58
N LEU A 403 5.10 -32.80 8.23
CA LEU A 403 4.26 -32.35 9.34
C LEU A 403 2.95 -31.76 8.75
N LEU A 404 3.04 -30.95 7.69
CA LEU A 404 1.84 -30.33 7.13
C LEU A 404 1.33 -31.15 5.92
N PRO A 405 0.01 -31.30 5.75
CA PRO A 405 -1.04 -30.73 6.58
C PRO A 405 -1.24 -31.44 7.93
N LEU A 406 -1.66 -30.64 8.92
CA LEU A 406 -1.93 -31.19 10.25
C LEU A 406 -3.37 -31.75 10.29
N PRO A 407 -3.64 -32.74 11.14
CA PRO A 407 -4.98 -33.27 11.27
C PRO A 407 -5.81 -32.31 12.14
N LYS A 408 -7.07 -32.13 11.77
CA LYS A 408 -7.98 -31.30 12.55
C LYS A 408 -8.47 -31.97 13.83
N LYS A 409 -8.35 -33.32 13.94
CA LYS A 409 -8.78 -34.04 15.16
C LYS A 409 -7.52 -34.52 15.87
N ALA A 410 -7.32 -34.02 17.09
CA ALA A 410 -6.20 -34.48 17.97
C ALA A 410 -6.68 -34.27 19.38
N PRO A 411 -6.20 -35.02 20.35
CA PRO A 411 -6.71 -34.77 21.70
C PRO A 411 -6.43 -33.36 22.22
N LYS A 412 -5.20 -32.89 22.03
CA LYS A 412 -4.80 -31.59 22.60
C LYS A 412 -3.74 -31.04 21.69
N ILE A 413 -3.87 -29.75 21.35
CA ILE A 413 -2.84 -29.05 20.56
C ILE A 413 -2.46 -27.74 21.22
N LEU A 414 -1.25 -27.27 20.91
CA LEU A 414 -0.72 -26.01 21.46
C LEU A 414 -0.62 -24.94 20.36
N VAL A 415 -1.14 -23.75 20.65
CA VAL A 415 -0.90 -22.54 19.81
C VAL A 415 -0.10 -21.59 20.69
N ALA A 416 1.01 -21.11 20.15
CA ALA A 416 1.96 -20.33 20.94
C ALA A 416 2.59 -19.25 20.13
N GLY A 417 3.25 -18.32 20.84
CA GLY A 417 4.03 -17.22 20.22
C GLY A 417 3.33 -15.89 20.28
N SER A 418 4.17 -14.85 20.22
CA SER A 418 3.70 -13.48 20.27
C SER A 418 2.80 -13.08 19.13
N HIS A 419 2.85 -13.84 18.03
CA HIS A 419 2.05 -13.48 16.88
C HIS A 419 0.90 -14.43 16.64
N ALA A 420 0.64 -15.37 17.56
CA ALA A 420 -0.52 -16.26 17.40
C ALA A 420 -1.84 -15.61 17.66
N ASP A 421 -1.89 -14.58 18.51
CA ASP A 421 -3.17 -13.98 18.87
C ASP A 421 -2.94 -12.47 18.99
N ASN A 422 -2.57 -11.88 17.85
CA ASN A 422 -2.31 -10.45 17.82
C ASN A 422 -2.67 -9.92 16.45
N LEU A 423 -3.88 -9.37 16.33
CA LEU A 423 -4.38 -8.90 15.01
C LEU A 423 -3.48 -7.81 14.44
N GLY A 424 -3.07 -6.86 15.30
CA GLY A 424 -2.22 -5.75 14.83
C GLY A 424 -0.92 -6.28 14.21
N TYR A 425 -0.33 -7.27 14.87
CA TYR A 425 0.93 -7.81 14.36
C TYR A 425 0.71 -8.53 13.04
N GLN A 426 -0.44 -9.20 12.87
CA GLN A 426 -0.60 -9.96 11.63
C GLN A 426 -0.93 -9.04 10.44
N CYS A 427 -1.37 -7.81 10.74
CA CYS A 427 -1.65 -6.79 9.70
C CYS A 427 -0.41 -5.95 9.37
N GLY A 428 0.47 -5.72 10.33
CA GLY A 428 1.68 -4.90 10.09
C GLY A 428 1.35 -3.40 9.87
N GLY A 429 2.28 -2.71 9.23
CA GLY A 429 2.17 -1.26 9.05
C GLY A 429 0.98 -0.83 8.24
N TRP A 430 0.73 0.49 8.24
CA TRP A 430 -0.46 0.99 7.52
C TRP A 430 -1.74 0.23 7.85
N THR A 431 -1.99 0.07 9.16
CA THR A 431 -3.25 -0.53 9.60
C THR A 431 -3.70 0.20 10.86
N ILE A 432 -4.80 0.98 10.70
CA ILE A 432 -5.44 1.84 11.74
C ILE A 432 -4.54 3.07 12.07
N GLU A 433 -3.31 2.78 12.47
CA GLU A 433 -2.25 3.82 12.56
C GLU A 433 -1.33 3.75 11.38
N TRP A 434 -0.60 4.83 11.11
CA TRP A 434 0.42 4.81 10.07
C TRP A 434 1.40 3.63 10.23
N GLN A 435 1.99 3.52 11.42
CA GLN A 435 2.97 2.48 11.71
C GLN A 435 2.39 1.16 12.16
N GLY A 436 1.06 0.99 12.08
CA GLY A 436 0.38 -0.15 12.68
C GLY A 436 0.41 -0.06 14.20
N ASP A 437 -0.02 -1.16 14.82
CA ASP A 437 -0.21 -1.18 16.28
C ASP A 437 -0.30 -2.61 16.76
N THR A 438 -0.37 -2.80 18.08
CA THR A 438 -0.47 -4.11 18.70
C THR A 438 -1.89 -4.40 19.20
N GLY A 439 -2.29 -5.67 19.09
CA GLY A 439 -3.52 -6.16 19.66
C GLY A 439 -4.73 -6.05 18.79
N ARG A 440 -5.90 -6.01 19.42
CA ARG A 440 -7.15 -6.13 18.65
C ARG A 440 -7.59 -4.75 18.17
N THR A 441 -6.94 -4.29 17.08
CA THR A 441 -7.07 -2.90 16.65
C THR A 441 -8.23 -2.69 15.67
N THR A 442 -8.83 -3.79 15.20
CA THR A 442 -9.89 -3.71 14.21
C THR A 442 -10.66 -5.04 14.23
N VAL A 443 -11.53 -5.29 13.25
CA VAL A 443 -12.30 -6.54 13.20
C VAL A 443 -11.53 -7.55 12.37
N GLY A 444 -11.31 -8.74 12.93
CA GLY A 444 -10.62 -9.78 12.14
C GLY A 444 -10.54 -11.06 12.95
N THR A 445 -9.67 -11.95 12.48
CA THR A 445 -9.54 -13.29 13.08
C THR A 445 -8.07 -13.58 13.22
N THR A 446 -7.62 -13.76 14.47
CA THR A 446 -6.18 -14.07 14.69
C THR A 446 -5.90 -15.54 14.34
N ILE A 447 -4.62 -15.89 14.32
CA ILE A 447 -4.28 -17.29 14.02
C ILE A 447 -4.87 -18.23 15.08
N LEU A 448 -4.83 -17.83 16.37
CA LEU A 448 -5.46 -18.65 17.42
C LEU A 448 -6.96 -18.84 17.17
N GLU A 449 -7.64 -17.75 16.86
CA GLU A 449 -9.10 -17.82 16.58
C GLU A 449 -9.37 -18.71 15.38
N ALA A 450 -8.52 -18.62 14.35
CA ALA A 450 -8.68 -19.41 13.12
C ALA A 450 -8.48 -20.90 13.44
N VAL A 451 -7.50 -21.22 14.30
CA VAL A 451 -7.29 -22.63 14.71
C VAL A 451 -8.56 -23.14 15.42
N LYS A 452 -9.08 -22.35 16.37
CA LYS A 452 -10.27 -22.79 17.15
C LYS A 452 -11.47 -22.98 16.20
N ALA A 453 -11.56 -22.16 15.14
CA ALA A 453 -12.66 -22.29 14.16
C ALA A 453 -12.47 -23.46 13.21
N ALA A 454 -11.26 -24.00 13.10
CA ALA A 454 -10.92 -25.06 12.12
C ALA A 454 -11.05 -26.45 12.68
N VAL A 455 -10.68 -26.63 13.93
CA VAL A 455 -10.42 -27.98 14.45
C VAL A 455 -11.71 -28.72 14.82
N ASP A 456 -11.64 -30.06 14.86
CA ASP A 456 -12.75 -30.87 15.30
C ASP A 456 -13.22 -30.44 16.67
N PRO A 457 -14.52 -30.61 16.98
CA PRO A 457 -14.95 -30.20 18.33
C PRO A 457 -14.27 -30.98 19.47
N SER A 458 -13.80 -32.19 19.21
CA SER A 458 -13.09 -32.94 20.28
C SER A 458 -11.66 -32.43 20.55
N THR A 459 -11.11 -31.58 19.67
CA THR A 459 -9.74 -31.13 19.83
C THR A 459 -9.64 -30.01 20.83
N VAL A 460 -8.84 -30.19 21.87
CA VAL A 460 -8.63 -29.15 22.90
C VAL A 460 -7.49 -28.26 22.46
N VAL A 461 -7.74 -26.96 22.39
CA VAL A 461 -6.75 -25.99 21.91
C VAL A 461 -6.27 -25.22 23.15
N VAL A 462 -4.97 -25.32 23.43
CA VAL A 462 -4.36 -24.55 24.52
C VAL A 462 -3.54 -23.41 23.92
N PHE A 463 -3.75 -22.18 24.41
CA PHE A 463 -2.92 -21.02 24.07
C PHE A 463 -1.91 -20.69 25.16
N ALA A 464 -0.66 -20.52 24.76
CA ALA A 464 0.37 -19.99 25.70
C ALA A 464 1.27 -19.09 24.87
N GLU A 465 1.35 -17.80 25.24
CA GLU A 465 2.14 -16.88 24.40
C GLU A 465 3.62 -17.24 24.35
N ASN A 466 4.21 -17.49 25.53
CA ASN A 466 5.63 -17.81 25.61
C ASN A 466 5.89 -18.92 26.63
N PRO A 467 5.49 -20.16 26.31
CA PRO A 467 5.70 -21.25 27.24
C PRO A 467 7.16 -21.67 27.37
N ASP A 468 7.50 -22.15 28.55
CA ASP A 468 8.80 -22.75 28.66
C ASP A 468 8.80 -24.20 28.19
N ALA A 469 10.00 -24.75 28.07
CA ALA A 469 10.17 -26.04 27.49
C ALA A 469 9.45 -27.11 28.33
N GLU A 470 9.50 -26.97 29.65
CA GLU A 470 8.88 -27.96 30.52
C GLU A 470 7.35 -27.99 30.36
N PHE A 471 6.74 -26.82 30.24
CA PHE A 471 5.30 -26.73 30.00
C PHE A 471 4.92 -27.52 28.72
N VAL A 472 5.69 -27.30 27.66
CA VAL A 472 5.37 -28.03 26.42
C VAL A 472 5.55 -29.56 26.53
N LYS A 473 6.67 -29.99 27.13
CA LYS A 473 6.97 -31.42 27.27
C LYS A 473 5.95 -32.13 28.13
N SER A 474 5.37 -31.40 29.10
CA SER A 474 4.41 -32.02 30.02
C SER A 474 2.95 -31.92 29.57
N GLY A 475 2.69 -31.25 28.45
CA GLY A 475 1.30 -30.91 28.18
C GLY A 475 0.46 -31.89 27.41
N GLY A 476 1.06 -32.99 26.95
CA GLY A 476 0.33 -34.01 26.21
C GLY A 476 -0.21 -33.52 24.86
N PHE A 477 0.60 -32.70 24.22
CA PHE A 477 0.20 -32.13 22.93
C PHE A 477 0.51 -33.07 21.78
N SER A 478 -0.35 -33.03 20.75
CA SER A 478 -0.08 -33.77 19.50
C SER A 478 0.88 -33.06 18.59
N TYR A 479 0.81 -31.73 18.63
CA TYR A 479 1.67 -30.86 17.81
C TYR A 479 1.42 -29.43 18.30
N ALA A 480 2.25 -28.53 17.80
CA ALA A 480 2.12 -27.10 18.10
C ALA A 480 2.17 -26.28 16.84
N ILE A 481 1.45 -25.15 16.87
CA ILE A 481 1.57 -24.09 15.86
C ILE A 481 2.10 -22.89 16.62
N VAL A 482 3.26 -22.39 16.21
CA VAL A 482 3.93 -21.27 16.90
C VAL A 482 4.16 -20.16 15.89
N ALA A 483 3.65 -18.98 16.23
CA ALA A 483 3.71 -17.82 15.31
C ALA A 483 4.49 -16.72 15.97
N VAL A 484 5.52 -16.25 15.26
CA VAL A 484 6.44 -15.20 15.72
C VAL A 484 6.81 -14.32 14.52
N GLY A 485 7.54 -13.23 14.77
CA GLY A 485 8.05 -12.44 13.64
C GLY A 485 8.26 -10.97 13.97
N GLU A 486 8.17 -10.14 12.93
CA GLU A 486 8.43 -8.69 13.07
C GLU A 486 7.27 -7.95 13.71
N HIS A 487 7.58 -6.85 14.36
CA HIS A 487 6.51 -5.94 14.84
C HIS A 487 6.18 -4.99 13.72
N PRO A 488 5.02 -4.29 13.81
CA PRO A 488 4.62 -3.42 12.70
C PRO A 488 5.58 -2.25 12.56
N TYR A 489 5.83 -1.86 11.32
CA TYR A 489 6.72 -0.71 11.08
C TYR A 489 6.47 -0.11 9.70
N THR A 490 7.02 1.10 9.52
CA THR A 490 7.21 1.76 8.23
C THR A 490 8.67 2.19 8.14
N GLU A 491 9.08 2.84 7.08
CA GLU A 491 10.49 3.29 7.02
C GLU A 491 11.14 3.65 8.40
N THR A 492 10.55 4.61 9.11
CA THR A 492 11.20 5.16 10.31
C THR A 492 10.94 4.27 11.53
N LYS A 493 11.90 3.38 11.78
CA LYS A 493 11.81 2.23 12.73
C LYS A 493 11.81 0.90 11.93
N GLY A 494 11.49 0.99 10.63
CA GLY A 494 11.45 -0.15 9.76
C GLY A 494 12.73 -0.32 8.97
N ASP A 495 13.39 0.82 8.70
CA ASP A 495 14.69 0.78 8.06
C ASP A 495 15.57 0.14 9.11
N ASN A 496 15.97 -1.10 8.83
CA ASN A 496 16.71 -1.90 9.81
C ASN A 496 17.97 -2.63 9.30
N LEU A 497 19.05 -2.46 10.04
CA LEU A 497 20.35 -2.99 9.70
C LEU A 497 20.41 -4.52 9.88
N ASN A 498 19.86 -5.05 10.99
CA ASN A 498 20.16 -6.43 11.40
C ASN A 498 19.16 -7.51 10.91
N LEU A 499 17.95 -7.09 10.58
CA LEU A 499 16.90 -7.98 10.08
C LEU A 499 16.72 -9.28 10.88
N THR A 500 16.83 -9.16 12.20
CA THR A 500 16.62 -10.26 13.15
C THR A 500 15.30 -9.99 13.89
N ILE A 501 14.44 -11.00 14.02
CA ILE A 501 13.15 -10.76 14.68
C ILE A 501 13.31 -10.48 16.17
N PRO A 502 12.41 -9.68 16.74
CA PRO A 502 12.46 -9.39 18.18
C PRO A 502 12.30 -10.59 19.04
N GLU A 503 12.96 -10.57 20.17
CA GLU A 503 12.78 -11.59 21.17
C GLU A 503 11.69 -11.19 22.14
N PRO A 504 10.98 -12.17 22.73
CA PRO A 504 11.15 -13.60 22.52
C PRO A 504 10.36 -13.93 21.24
N GLY A 505 11.03 -14.66 20.39
CA GLY A 505 10.44 -15.17 19.15
C GLY A 505 11.16 -16.47 18.89
N LEU A 506 12.47 -16.35 18.59
CA LEU A 506 13.30 -17.55 18.44
C LEU A 506 13.30 -18.41 19.69
N SER A 507 13.45 -17.81 20.88
CA SER A 507 13.46 -18.58 22.13
C SER A 507 12.15 -19.37 22.29
N THR A 508 11.01 -18.75 21.92
CA THR A 508 9.73 -19.48 22.03
C THR A 508 9.65 -20.64 21.04
N VAL A 509 10.13 -20.41 19.83
CA VAL A 509 10.13 -21.48 18.83
C VAL A 509 11.02 -22.64 19.32
N GLN A 510 12.19 -22.32 19.84
CA GLN A 510 13.08 -23.39 20.32
C GLN A 510 12.47 -24.13 21.52
N ALA A 511 11.81 -23.43 22.44
CA ALA A 511 11.14 -24.09 23.58
C ALA A 511 9.99 -25.02 23.13
N VAL A 512 9.17 -24.52 22.20
CA VAL A 512 8.00 -25.25 21.75
C VAL A 512 8.47 -26.46 20.94
N CYS A 513 9.32 -26.24 19.95
CA CYS A 513 9.71 -27.33 19.02
C CYS A 513 10.59 -28.35 19.72
N GLY A 514 11.25 -27.94 20.79
CA GLY A 514 12.05 -28.91 21.58
C GLY A 514 11.17 -29.89 22.32
N GLY A 515 9.91 -29.54 22.52
CA GLY A 515 8.97 -30.36 23.30
C GLY A 515 7.96 -31.18 22.51
N VAL A 516 7.62 -30.72 21.29
CA VAL A 516 6.59 -31.38 20.47
C VAL A 516 6.85 -30.97 18.99
N ARG A 517 6.41 -31.79 18.03
CA ARG A 517 6.56 -31.40 16.65
C ARG A 517 5.84 -30.05 16.41
N CYS A 518 6.46 -29.21 15.62
CA CYS A 518 5.93 -27.84 15.49
C CYS A 518 5.89 -27.34 14.05
N ALA A 519 4.86 -26.56 13.77
CA ALA A 519 4.81 -25.76 12.55
C ALA A 519 4.98 -24.30 12.95
N THR A 520 6.05 -23.70 12.46
CA THR A 520 6.35 -22.27 12.77
C THR A 520 5.78 -21.38 11.68
N VAL A 521 5.02 -20.38 12.08
CA VAL A 521 4.44 -19.41 11.12
C VAL A 521 5.17 -18.11 11.37
N LEU A 522 5.95 -17.70 10.38
CA LEU A 522 6.77 -16.48 10.46
C LEU A 522 6.02 -15.32 9.80
N ILE A 523 5.72 -14.31 10.63
CA ILE A 523 5.04 -13.08 10.18
C ILE A 523 6.10 -12.02 9.98
N SER A 524 6.27 -11.53 8.76
CA SER A 524 7.32 -10.52 8.48
C SER A 524 6.93 -9.75 7.23
N GLY A 525 7.57 -8.58 7.07
CA GLY A 525 7.39 -7.77 5.83
C GLY A 525 8.40 -8.04 4.75
N ARG A 526 9.25 -9.07 4.95
CA ARG A 526 10.48 -9.23 4.16
C ARG A 526 11.17 -10.47 4.64
N PRO A 527 12.16 -10.95 3.89
CA PRO A 527 13.09 -11.95 4.48
C PRO A 527 13.81 -11.39 5.71
N VAL A 528 13.94 -12.25 6.73
CA VAL A 528 14.60 -11.94 7.98
C VAL A 528 15.57 -13.09 8.26
N VAL A 529 16.53 -12.89 9.16
CA VAL A 529 17.49 -13.99 9.48
C VAL A 529 16.66 -15.21 9.90
N VAL A 530 16.83 -16.32 9.18
CA VAL A 530 15.90 -17.46 9.38
C VAL A 530 16.56 -18.81 9.67
N GLN A 531 17.87 -18.93 9.53
CA GLN A 531 18.48 -20.26 9.78
C GLN A 531 18.19 -20.81 11.18
N PRO A 532 18.27 -19.98 12.25
CA PRO A 532 17.95 -20.55 13.59
C PRO A 532 16.49 -21.01 13.72
N LEU A 533 15.56 -20.23 13.18
CA LEU A 533 14.15 -20.67 13.19
C LEU A 533 14.00 -21.95 12.41
N LEU A 534 14.64 -22.05 11.24
CA LEU A 534 14.53 -23.29 10.46
C LEU A 534 15.11 -24.47 11.22
N ALA A 535 16.28 -24.31 11.82
CA ALA A 535 16.92 -25.43 12.54
C ALA A 535 16.05 -26.03 13.63
N ALA A 536 15.26 -25.20 14.34
CA ALA A 536 14.39 -25.69 15.40
C ALA A 536 13.10 -26.34 14.89
N SER A 537 12.64 -25.95 13.69
CA SER A 537 11.24 -26.24 13.30
C SER A 537 11.10 -27.49 12.46
N ASP A 538 10.01 -28.25 12.63
CA ASP A 538 9.69 -29.32 11.68
C ASP A 538 9.21 -28.75 10.36
N ALA A 539 8.29 -27.76 10.44
CA ALA A 539 7.79 -27.06 9.27
C ALA A 539 7.89 -25.56 9.55
N LEU A 540 8.10 -24.79 8.49
CA LEU A 540 8.14 -23.32 8.63
C LEU A 540 7.52 -22.68 7.40
N VAL A 541 6.62 -21.72 7.65
CA VAL A 541 5.87 -21.00 6.62
C VAL A 541 6.21 -19.52 6.72
N ALA A 542 6.56 -18.93 5.57
CA ALA A 542 6.69 -17.46 5.52
C ALA A 542 5.28 -16.97 5.16
N ALA A 543 4.62 -16.33 6.16
CA ALA A 543 3.25 -15.85 5.97
C ALA A 543 3.16 -14.37 5.61
N TRP A 544 4.30 -13.70 5.58
CA TRP A 544 4.38 -12.26 5.27
C TRP A 544 3.49 -11.48 6.27
N LEU A 545 2.68 -10.54 5.78
CA LEU A 545 1.77 -9.74 6.65
C LEU A 545 0.34 -9.98 6.15
N PRO A 546 -0.31 -11.08 6.60
CA PRO A 546 -1.47 -11.62 5.87
C PRO A 546 -2.77 -10.85 6.02
N GLY A 547 -2.82 -9.90 6.99
CA GLY A 547 -4.02 -9.04 7.12
C GLY A 547 -5.03 -9.53 8.14
N SER A 548 -6.29 -9.13 7.99
CA SER A 548 -7.27 -9.43 9.04
C SER A 548 -7.76 -10.87 9.06
N GLU A 549 -7.59 -11.62 7.95
CA GLU A 549 -8.22 -12.93 7.80
C GLU A 549 -7.28 -14.09 8.10
N GLY A 550 -7.09 -14.34 9.39
CA GLY A 550 -6.16 -15.38 9.84
C GLY A 550 -6.56 -16.76 9.37
N GLN A 551 -7.81 -16.97 8.99
CA GLN A 551 -8.19 -18.29 8.50
C GLN A 551 -7.47 -18.63 7.22
N GLY A 552 -6.92 -17.65 6.50
CA GLY A 552 -6.09 -18.01 5.33
C GLY A 552 -4.88 -18.84 5.71
N VAL A 553 -4.33 -18.60 6.90
CA VAL A 553 -3.18 -19.40 7.38
C VAL A 553 -3.65 -20.82 7.68
N THR A 554 -4.72 -20.95 8.47
CA THR A 554 -5.17 -22.30 8.84
C THR A 554 -5.72 -23.10 7.67
N ASP A 555 -6.23 -22.43 6.65
CA ASP A 555 -6.71 -23.13 5.41
C ASP A 555 -5.60 -23.96 4.79
N ALA A 556 -4.36 -23.50 4.87
CA ALA A 556 -3.25 -24.30 4.38
C ALA A 556 -2.65 -25.17 5.46
N LEU A 557 -2.54 -24.72 6.73
CA LEU A 557 -1.98 -25.60 7.77
C LEU A 557 -2.75 -26.91 7.92
N PHE A 558 -4.07 -26.88 7.81
CA PHE A 558 -4.89 -28.08 8.01
C PHE A 558 -5.29 -28.76 6.69
N GLY A 559 -4.71 -28.29 5.56
CA GLY A 559 -4.86 -29.03 4.27
C GLY A 559 -6.19 -28.86 3.55
N ASP A 560 -6.98 -27.83 3.89
CA ASP A 560 -8.14 -27.54 3.05
C ASP A 560 -7.70 -27.14 1.64
N PHE A 561 -6.55 -26.48 1.56
CA PHE A 561 -5.89 -26.11 0.31
C PHE A 561 -4.41 -26.46 0.43
N GLY A 562 -3.80 -26.74 -0.71
CA GLY A 562 -2.36 -26.95 -0.73
C GLY A 562 -1.60 -25.65 -0.67
N PHE A 563 -0.35 -25.73 -0.22
CA PHE A 563 0.54 -24.54 -0.34
C PHE A 563 0.96 -24.37 -1.79
N THR A 564 0.82 -23.14 -2.28
CA THR A 564 1.20 -22.82 -3.67
C THR A 564 2.08 -21.56 -3.81
N GLY A 565 2.21 -20.77 -2.75
CA GLY A 565 2.98 -19.54 -2.83
C GLY A 565 4.44 -19.79 -3.18
N ARG A 566 5.09 -18.82 -3.84
CA ARG A 566 6.53 -18.93 -4.20
C ARG A 566 7.24 -17.62 -3.82
N LEU A 567 8.49 -17.68 -3.35
CA LEU A 567 9.16 -16.42 -2.92
C LEU A 567 9.13 -15.40 -4.03
N PRO A 568 8.70 -14.17 -3.73
CA PRO A 568 8.76 -13.08 -4.72
C PRO A 568 10.02 -12.26 -4.56
N ARG A 569 10.89 -12.70 -3.66
CA ARG A 569 12.20 -12.08 -3.54
C ARG A 569 13.20 -13.10 -3.02
N THR A 570 14.46 -12.72 -3.09
CA THR A 570 15.57 -13.55 -2.65
C THR A 570 15.65 -13.61 -1.12
N TRP A 571 15.88 -14.81 -0.56
CA TRP A 571 16.08 -14.87 0.87
C TRP A 571 17.57 -14.95 1.09
N PHE A 572 18.12 -13.93 1.73
CA PHE A 572 19.60 -13.89 1.96
C PHE A 572 20.06 -14.92 3.01
N LYS A 573 21.35 -15.25 2.96
CA LYS A 573 21.96 -16.02 4.04
C LYS A 573 22.36 -15.14 5.24
N SER A 574 22.85 -13.93 4.94
CA SER A 574 23.26 -12.98 5.95
C SER A 574 23.12 -11.54 5.42
N VAL A 575 22.85 -10.63 6.35
CA VAL A 575 22.66 -9.20 6.02
C VAL A 575 23.94 -8.60 5.43
N ASP A 576 25.10 -9.22 5.73
CA ASP A 576 26.41 -8.84 5.16
C ASP A 576 26.46 -8.96 3.66
N GLN A 577 25.57 -9.76 3.09
CA GLN A 577 25.53 -9.94 1.65
C GLN A 577 24.86 -8.77 0.93
N LEU A 578 24.14 -7.93 1.68
CA LEU A 578 23.18 -7.03 1.06
C LEU A 578 23.84 -5.74 0.53
N PRO A 579 23.35 -5.20 -0.58
CA PRO A 579 22.30 -5.68 -1.46
C PRO A 579 22.81 -6.84 -2.31
N MET A 580 21.93 -7.80 -2.55
CA MET A 580 22.28 -9.01 -3.28
C MET A 580 21.15 -9.43 -4.20
N ASN A 581 21.34 -9.23 -5.50
CA ASN A 581 20.32 -9.54 -6.48
C ASN A 581 20.86 -10.45 -7.56
N VAL A 582 19.91 -11.08 -8.25
CA VAL A 582 20.20 -12.00 -9.36
C VAL A 582 21.14 -11.35 -10.36
N GLY A 583 22.23 -12.05 -10.66
CA GLY A 583 23.18 -11.52 -11.60
C GLY A 583 24.36 -10.88 -10.91
N ASP A 584 24.26 -10.61 -9.61
CA ASP A 584 25.41 -10.07 -8.89
C ASP A 584 26.46 -11.18 -8.74
N ALA A 585 27.74 -10.78 -8.77
CA ALA A 585 28.84 -11.74 -8.70
C ALA A 585 28.82 -12.52 -7.38
N HIS A 586 28.24 -11.92 -6.34
CA HIS A 586 28.18 -12.57 -5.02
C HIS A 586 26.81 -13.21 -4.74
N TYR A 587 25.95 -13.34 -5.77
CA TYR A 587 24.61 -13.93 -5.55
C TYR A 587 24.73 -15.32 -4.94
N ASP A 588 24.28 -15.49 -3.70
CA ASP A 588 24.43 -16.74 -2.98
C ASP A 588 23.27 -16.87 -1.99
N PRO A 589 22.10 -17.24 -2.50
CA PRO A 589 20.94 -17.05 -1.61
C PRO A 589 20.75 -18.25 -0.70
N LEU A 590 20.08 -18.04 0.44
CA LEU A 590 19.56 -19.17 1.17
C LEU A 590 18.40 -19.83 0.41
N PHE A 591 17.46 -19.02 -0.09
CA PHE A 591 16.42 -19.53 -1.00
C PHE A 591 16.32 -18.56 -2.14
N ARG A 592 16.22 -19.10 -3.35
CA ARG A 592 16.16 -18.23 -4.50
C ARG A 592 14.75 -17.66 -4.71
N LEU A 593 14.68 -16.54 -5.45
CA LEU A 593 13.46 -16.09 -6.04
C LEU A 593 12.72 -17.26 -6.74
N GLY A 594 11.43 -17.44 -6.44
CA GLY A 594 10.64 -18.50 -6.98
C GLY A 594 10.59 -19.79 -6.18
N TYR A 595 11.39 -19.87 -5.11
CA TYR A 595 11.42 -21.09 -4.28
C TYR A 595 10.11 -21.26 -3.51
N GLY A 596 9.63 -22.49 -3.37
CA GLY A 596 8.53 -22.75 -2.42
C GLY A 596 8.15 -24.23 -2.50
N LEU A 597 7.94 -24.83 -1.35
CA LEU A 597 7.47 -26.22 -1.31
C LEU A 597 5.96 -26.27 -1.49
N THR A 598 5.45 -27.47 -1.82
CA THR A 598 4.02 -27.60 -2.00
C THR A 598 3.46 -28.71 -1.09
N THR A 599 2.15 -28.64 -0.88
CA THR A 599 1.42 -29.76 -0.33
C THR A 599 0.18 -29.92 -1.21
N ASN A 600 -0.46 -31.09 -1.05
CA ASN A 600 -1.77 -31.35 -1.63
C ASN A 600 -2.87 -31.25 -0.58
N ALA A 601 -4.01 -30.69 -0.99
CA ALA A 601 -5.18 -30.64 -0.10
C ALA A 601 -5.59 -32.04 0.39
N THR A 602 -6.03 -32.11 1.66
CA THR A 602 -6.52 -33.38 2.24
C THR A 602 -8.04 -33.40 2.27
C1 MGL B . 3.85 10.70 8.60
C2 MGL B . 2.59 11.55 8.44
C3 MGL B . 1.52 10.72 7.74
C4 MGL B . 2.03 10.19 6.40
C5 MGL B . 3.30 9.37 6.66
C6 MGL B . 3.92 8.75 5.41
C7 MGL B . 5.16 12.84 8.76
C7 MGL B . 6.12 10.77 9.62
O1 MGL B . 5.02 11.44 8.99
O2 MGL B . 2.19 11.98 9.74
O3 MGL B . 0.43 11.62 7.53
O4 MGL B . 1.02 9.31 5.85
O5 MGL B . 4.29 10.20 7.32
C1 GS1 B . 3.81 9.81 2.78
S1 GS1 B . 4.70 10.00 4.34
C2 GS1 B . 4.05 8.44 2.08
O2 GS1 B . 5.42 8.45 1.61
C3 GS1 B . 3.10 8.21 0.91
O3 GS1 B . 3.20 6.85 0.46
C4 GS1 B . 1.65 8.45 1.36
O4 GS1 B . 0.77 8.31 0.27
C5 GS1 B . 1.59 9.89 1.94
O5 GS1 B . 2.43 9.97 3.09
C6 GS1 B . 0.20 10.40 2.35
O6 GS1 B . -0.27 9.66 3.49
C1 NAG C . 0.57 -33.90 -5.01
C2 NAG C . 1.92 -34.53 -4.70
C3 NAG C . 2.72 -34.81 -5.98
C4 NAG C . 1.87 -35.55 -7.00
C5 NAG C . 0.56 -34.82 -7.26
C6 NAG C . -0.28 -35.69 -8.21
C7 NAG C . 2.86 -33.85 -2.52
C8 NAG C . 3.65 -32.80 -1.77
N2 NAG C . 2.67 -33.62 -3.82
O3 NAG C . 3.84 -35.61 -5.69
O4 NAG C . 2.54 -35.66 -8.23
O5 NAG C . -0.15 -34.60 -6.04
O6 NAG C . -1.55 -35.13 -8.33
O7 NAG C . 2.43 -34.87 -1.95
C1 GOL D . -19.35 11.49 -23.88
O1 GOL D . -19.60 12.70 -24.61
C2 GOL D . -19.04 11.83 -22.44
O2 GOL D . -20.27 11.94 -21.72
C3 GOL D . -18.16 10.74 -21.81
O3 GOL D . -17.39 11.28 -20.73
C1 GOL E . -4.27 15.14 -25.94
O1 GOL E . -3.69 15.96 -24.92
C2 GOL E . -5.52 14.44 -25.40
O2 GOL E . -6.00 15.14 -24.26
C3 GOL E . -6.62 14.45 -26.44
O3 GOL E . -7.86 14.22 -25.77
C1 GOL F . 3.35 -1.23 17.20
O1 GOL F . 3.61 -2.18 18.23
C2 GOL F . 4.67 -0.67 16.73
O2 GOL F . 5.45 -1.74 16.16
C3 GOL F . 4.48 0.48 15.75
O3 GOL F . 5.47 1.47 16.06
C1 GOL G . 8.26 7.77 -0.63
O1 GOL G . 8.26 8.97 -1.44
C2 GOL G . 9.53 6.97 -0.98
O2 GOL G . 9.81 7.09 -2.36
C3 GOL G . 10.73 7.60 -0.28
O3 GOL G . 12.00 6.99 -0.62
C1 GOL H . -9.08 38.75 -10.76
O1 GOL H . -9.32 37.99 -11.92
C2 GOL H . -8.58 37.75 -9.74
O2 GOL H . -7.16 37.88 -9.57
C3 GOL H . -9.21 37.97 -8.37
O3 GOL H . -9.11 36.74 -7.63
C1 GOL I . -10.07 35.43 -15.37
O1 GOL I . -10.48 34.37 -16.23
C2 GOL I . -11.25 36.30 -14.95
O2 GOL I . -12.49 35.61 -15.14
C3 GOL I . -11.05 36.65 -13.49
O3 GOL I . -10.75 38.06 -13.32
C1 GOL J . 3.63 31.90 -20.33
O1 GOL J . 2.30 31.51 -20.00
C2 GOL J . 3.74 33.36 -19.94
O2 GOL J . 3.84 34.18 -21.11
C3 GOL J . 2.44 33.64 -19.22
O3 GOL J . 2.68 33.82 -17.82
C1 GOL K . -20.35 18.20 -28.40
O1 GOL K . -21.18 17.85 -27.29
C2 GOL K . -19.23 19.12 -27.93
O2 GOL K . -18.08 18.97 -28.78
C3 GOL K . -19.69 20.57 -28.00
O3 GOL K . -18.81 21.38 -27.20
C1 GOL L . 17.85 -23.70 -4.24
O1 GOL L . 17.63 -23.28 -5.58
C2 GOL L . 17.88 -22.51 -3.31
O2 GOL L . 16.59 -21.91 -3.41
C3 GOL L . 18.10 -23.03 -1.91
O3 GOL L . 17.50 -24.33 -1.77
C1 GOL M . 23.00 -16.20 13.14
O1 GOL M . 22.88 -16.22 14.57
C2 GOL M . 22.38 -17.47 12.56
O2 GOL M . 22.06 -17.29 11.18
C3 GOL M . 23.36 -18.62 12.70
O3 GOL M . 22.67 -19.84 12.44
S SO4 N . 17.00 17.62 7.14
O1 SO4 N . 17.54 17.60 5.75
O2 SO4 N . 18.08 18.02 8.07
O3 SO4 N . 15.88 18.57 7.25
O4 SO4 N . 16.51 16.26 7.48
S SO4 O . 1.39 -37.86 28.03
O1 SO4 O . 2.44 -37.18 27.24
O2 SO4 O . 1.81 -39.25 28.29
O3 SO4 O . 1.21 -37.14 29.31
O4 SO4 O . 0.11 -37.84 27.28
#